data_6YAJ
#
_entry.id   6YAJ
#
_cell.length_a   101.878
_cell.length_b   101.878
_cell.length_c   164.546
_cell.angle_alpha   90.000
_cell.angle_beta   90.000
_cell.angle_gamma   90.000
#
_symmetry.space_group_name_H-M   'P 43'
#
loop_
_entity.id
_entity.type
_entity.pdbx_description
1 polymer 'C-terminal chain of split transketolase from Carboxydothermus hydrogenoformans'
2 non-polymer 1,2-ETHANEDIOL
3 non-polymer GLYCEROL
4 non-polymer DI(HYDROXYETHYL)ETHER
5 water water
#
_entity_poly.entity_id   1
_entity_poly.type   'polypeptide(L)'
_entity_poly.pdbx_seq_one_letter_code
;MAGSHHHHHHGMASMTGGQQMGRSGDDDDMGGIATREAYGKALVELGQENPKIVVLDADLSKSTKTSDFAKAFPERFFNM
GIAEQNLMGVAAGLSTVGKIPFASTFAVFAAGRAFEIIRNSICYPKLNVKIAATHAGLTVGEDGASHQAIEDLALMRVLP
NMQVFVPADAAQTRAIVKKAAEIEGPVYIRLGRSGVPEVFSPDIRFEPGRGTVLKEGKDVTIVALGIMTAKALEAAKMLE
AEGIAARVVDMASLKPIDRELLVESARLTGAVVTAEEHSVIGGLGSAVAEVLSEEYPIPVVKVGVNDVFGESGTPQALLE
KYGLTARDVVAAVQKALTLKR
;
_entity_poly.pdbx_strand_id   AAA,BBB,CCC,DDD
#
# COMPACT_ATOMS: atom_id res chain seq x y z
N GLY A 32 25.02 0.13 30.08
CA GLY A 32 25.06 0.98 28.88
C GLY A 32 23.64 1.31 28.36
N ILE A 33 23.56 2.40 27.60
CA ILE A 33 22.28 2.81 27.04
C ILE A 33 21.91 1.92 25.84
N ALA A 34 20.64 1.98 25.44
CA ALA A 34 20.12 1.28 24.27
C ALA A 34 20.78 1.84 23.00
N THR A 35 20.99 0.95 22.02
CA THR A 35 21.53 1.37 20.74
C THR A 35 20.63 2.40 20.07
N ARG A 36 19.31 2.29 20.28
CA ARG A 36 18.38 3.27 19.72
CA ARG A 36 18.37 3.27 19.73
C ARG A 36 18.66 4.65 20.31
N GLU A 37 19.00 4.69 21.59
CA GLU A 37 19.31 5.96 22.23
C GLU A 37 20.65 6.51 21.74
N ALA A 38 21.69 5.66 21.63
CA ALA A 38 22.98 6.08 21.10
C ALA A 38 22.83 6.64 19.69
N TYR A 39 21.91 6.04 18.90
CA TYR A 39 21.68 6.48 17.53
C TYR A 39 21.18 7.92 17.53
N GLY A 40 20.19 8.21 18.37
CA GLY A 40 19.64 9.55 18.49
C GLY A 40 20.70 10.62 18.80
N LYS A 41 21.61 10.29 19.72
CA LYS A 41 22.68 11.21 20.09
C LYS A 41 23.66 11.37 18.95
N ALA A 42 23.98 10.25 18.27
CA ALA A 42 24.96 10.32 17.19
C ALA A 42 24.44 11.21 16.06
N LEU A 43 23.10 11.22 15.86
CA LEU A 43 22.57 12.00 14.74
C LEU A 43 22.80 13.50 14.99
N VAL A 44 22.73 13.92 16.26
CA VAL A 44 22.98 15.31 16.61
C VAL A 44 24.41 15.70 16.25
N GLU A 45 25.40 14.88 16.64
CA GLU A 45 26.78 15.14 16.23
C GLU A 45 26.91 15.19 14.70
N LEU A 46 26.30 14.24 14.01
CA LEU A 46 26.38 14.23 12.56
C LEU A 46 25.79 15.52 12.00
N GLY A 47 24.65 15.92 12.57
CA GLY A 47 24.02 17.15 12.12
C GLY A 47 24.94 18.37 12.23
N GLN A 48 25.72 18.45 13.32
CA GLN A 48 26.66 19.53 13.55
C GLN A 48 27.80 19.50 12.52
N GLU A 49 28.23 18.31 12.12
CA GLU A 49 29.40 18.21 11.24
C GLU A 49 29.00 18.14 9.76
N ASN A 50 27.79 17.67 9.46
CA ASN A 50 27.47 17.35 8.07
C ASN A 50 26.13 17.96 7.72
N PRO A 51 26.10 19.05 6.92
CA PRO A 51 24.84 19.75 6.66
C PRO A 51 23.87 19.00 5.73
N LYS A 52 24.28 17.86 5.16
CA LYS A 52 23.46 17.17 4.17
C LYS A 52 22.57 16.09 4.82
N ILE A 53 22.83 15.76 6.09
CA ILE A 53 22.12 14.73 6.84
C ILE A 53 20.70 15.23 7.11
N VAL A 54 19.69 14.40 6.80
CA VAL A 54 18.31 14.63 7.20
C VAL A 54 17.78 13.37 7.86
N VAL A 55 16.83 13.55 8.79
CA VAL A 55 16.28 12.45 9.56
C VAL A 55 14.76 12.37 9.28
N LEU A 56 14.26 11.16 8.99
CA LEU A 56 12.84 10.93 8.76
C LEU A 56 12.31 9.98 9.82
N ASP A 57 11.10 10.27 10.34
CA ASP A 57 10.47 9.46 11.36
C ASP A 57 8.96 9.64 11.26
N ALA A 58 8.20 8.52 11.19
CA ALA A 58 6.74 8.59 11.05
C ALA A 58 6.05 8.59 12.41
N ASP A 59 6.80 8.42 13.48
CA ASP A 59 6.24 8.35 14.82
C ASP A 59 5.86 9.76 15.29
N LEU A 60 4.60 9.94 15.72
CA LEU A 60 4.12 11.28 16.05
C LEU A 60 4.05 11.53 17.56
N SER A 61 4.55 10.59 18.37
CA SER A 61 4.58 10.74 19.82
C SER A 61 5.40 11.96 20.25
N LYS A 62 5.17 12.41 21.49
CA LYS A 62 5.82 13.60 22.02
C LYS A 62 7.33 13.35 22.16
N SER A 63 7.71 12.11 22.50
N SER A 63 7.71 12.11 22.50
CA SER A 63 9.12 11.76 22.63
CA SER A 63 9.11 11.75 22.63
C SER A 63 9.88 11.97 21.32
C SER A 63 9.88 11.96 21.32
N THR A 64 9.25 11.64 20.18
CA THR A 64 9.87 11.83 18.88
C THR A 64 9.95 13.31 18.51
N LYS A 65 8.87 14.06 18.76
CA LYS A 65 8.78 15.47 18.38
C LYS A 65 9.76 16.31 19.19
N THR A 66 10.17 15.82 20.36
CA THR A 66 11.08 16.58 21.20
C THR A 66 12.43 15.86 21.38
N SER A 67 12.74 14.86 20.54
CA SER A 67 14.05 14.22 20.52
C SER A 67 15.14 15.25 20.26
N ASP A 68 16.38 14.89 20.56
CA ASP A 68 17.49 15.81 20.47
C ASP A 68 17.66 16.32 19.04
N PHE A 69 17.55 15.41 18.06
CA PHE A 69 17.73 15.84 16.68
C PHE A 69 16.61 16.81 16.30
N ALA A 70 15.38 16.49 16.71
CA ALA A 70 14.21 17.33 16.41
C ALA A 70 14.44 18.77 16.91
N LYS A 71 15.02 18.90 18.10
CA LYS A 71 15.24 20.21 18.74
C LYS A 71 16.46 20.89 18.15
N ALA A 72 17.53 20.14 17.86
CA ALA A 72 18.75 20.74 17.34
C ALA A 72 18.64 21.10 15.87
N PHE A 73 17.99 20.25 15.04
CA PHE A 73 17.94 20.54 13.61
C PHE A 73 16.53 20.39 13.07
N PRO A 74 15.55 21.23 13.52
CA PRO A 74 14.17 21.09 13.09
C PRO A 74 14.03 21.23 11.58
N GLU A 75 14.91 22.01 10.94
CA GLU A 75 14.83 22.22 9.52
C GLU A 75 15.31 20.99 8.72
N ARG A 76 15.85 19.96 9.38
CA ARG A 76 16.32 18.77 8.68
CA ARG A 76 16.33 18.77 8.68
C ARG A 76 15.65 17.53 9.27
N PHE A 77 14.57 17.74 10.01
CA PHE A 77 13.83 16.66 10.65
C PHE A 77 12.46 16.57 9.95
N PHE A 78 12.21 15.46 9.24
CA PHE A 78 10.95 15.21 8.55
C PHE A 78 10.12 14.25 9.38
N ASN A 79 9.16 14.79 10.12
CA ASN A 79 8.35 14.01 11.03
C ASN A 79 6.92 14.16 10.55
N MET A 80 6.36 13.17 9.87
CA MET A 80 4.99 13.25 9.39
CA MET A 80 4.98 13.25 9.42
C MET A 80 4.30 11.89 9.51
N GLY A 81 3.00 11.93 9.82
CA GLY A 81 2.15 10.77 9.85
C GLY A 81 1.89 10.36 8.40
N ILE A 82 2.66 9.36 7.97
CA ILE A 82 2.52 8.77 6.65
CA ILE A 82 2.56 8.78 6.65
C ILE A 82 2.91 7.31 6.83
N ALA A 83 2.40 6.45 5.95
CA ALA A 83 2.69 5.01 5.99
C ALA A 83 4.18 4.77 5.82
N GLU A 84 4.70 3.79 6.55
CA GLU A 84 6.12 3.45 6.55
C GLU A 84 6.68 3.25 5.15
N GLN A 85 5.94 2.60 4.24
CA GLN A 85 6.46 2.43 2.89
C GLN A 85 6.57 3.79 2.19
N ASN A 86 5.65 4.72 2.49
CA ASN A 86 5.77 6.07 1.92
C ASN A 86 6.96 6.84 2.51
N LEU A 87 7.25 6.67 3.80
CA LEU A 87 8.43 7.25 4.44
C LEU A 87 9.71 6.81 3.72
N MET A 88 9.81 5.51 3.38
CA MET A 88 10.97 5.02 2.65
C MET A 88 11.04 5.65 1.27
N GLY A 89 9.86 5.82 0.64
CA GLY A 89 9.79 6.43 -0.68
C GLY A 89 10.27 7.90 -0.63
N VAL A 90 9.94 8.60 0.47
CA VAL A 90 10.35 10.00 0.65
C VAL A 90 11.88 10.03 0.83
N ALA A 91 12.41 9.11 1.66
CA ALA A 91 13.85 9.00 1.86
C ALA A 91 14.53 8.78 0.52
N ALA A 92 13.99 7.89 -0.29
CA ALA A 92 14.54 7.63 -1.60
C ALA A 92 14.64 8.90 -2.43
N GLY A 93 13.53 9.66 -2.49
CA GLY A 93 13.49 10.90 -3.26
C GLY A 93 14.51 11.93 -2.75
N LEU A 94 14.55 12.10 -1.42
CA LEU A 94 15.46 13.06 -0.81
C LEU A 94 16.91 12.71 -1.10
N SER A 95 17.22 11.42 -1.22
CA SER A 95 18.60 11.01 -1.43
C SER A 95 19.07 11.45 -2.83
N THR A 96 18.16 11.65 -3.76
CA THR A 96 18.56 11.97 -5.14
C THR A 96 18.65 13.49 -5.31
N VAL A 97 18.32 14.27 -4.27
CA VAL A 97 18.40 15.72 -4.43
C VAL A 97 19.45 16.27 -3.47
N GLY A 98 20.42 15.44 -3.09
CA GLY A 98 21.55 15.99 -2.35
C GLY A 98 21.49 15.75 -0.84
N LYS A 99 20.44 15.10 -0.32
CA LYS A 99 20.40 14.88 1.11
C LYS A 99 20.94 13.48 1.40
N ILE A 100 21.32 13.24 2.65
CA ILE A 100 21.72 11.92 3.10
C ILE A 100 20.70 11.55 4.16
N PRO A 101 19.60 10.86 3.77
CA PRO A 101 18.50 10.58 4.69
C PRO A 101 18.73 9.36 5.57
N PHE A 102 18.47 9.55 6.86
CA PHE A 102 18.43 8.50 7.85
C PHE A 102 16.94 8.27 8.19
N ALA A 103 16.41 7.11 7.80
CA ALA A 103 15.00 6.81 7.95
C ALA A 103 14.86 5.93 9.18
N SER A 104 14.30 6.47 10.26
CA SER A 104 14.06 5.71 11.48
C SER A 104 12.78 4.89 11.29
N THR A 105 12.87 3.58 11.49
CA THR A 105 11.72 2.70 11.31
C THR A 105 11.88 1.51 12.26
N PHE A 106 11.11 0.46 12.01
CA PHE A 106 11.16 -0.78 12.78
C PHE A 106 11.47 -1.92 11.84
N ALA A 107 12.15 -2.94 12.35
CA ALA A 107 12.55 -4.09 11.55
C ALA A 107 11.33 -4.78 10.93
N VAL A 108 10.20 -4.78 11.66
CA VAL A 108 8.99 -5.45 11.19
CA VAL A 108 8.99 -5.45 11.19
C VAL A 108 8.50 -4.75 9.92
N PHE A 109 8.63 -3.41 9.86
CA PHE A 109 8.24 -2.71 8.63
C PHE A 109 9.20 -2.99 7.48
N ALA A 110 10.51 -2.99 7.79
CA ALA A 110 11.50 -3.19 6.74
C ALA A 110 11.33 -4.58 6.11
N ALA A 111 10.97 -5.55 6.95
CA ALA A 111 10.86 -6.92 6.50
C ALA A 111 9.49 -7.19 5.87
N GLY A 112 8.53 -6.27 6.00
CA GLY A 112 7.18 -6.48 5.55
C GLY A 112 6.71 -5.40 4.59
N ARG A 113 5.91 -4.46 5.11
CA ARG A 113 5.25 -3.47 4.25
C ARG A 113 6.24 -2.58 3.49
N ALA A 114 7.48 -2.37 4.00
CA ALA A 114 8.40 -1.47 3.31
C ALA A 114 9.41 -2.26 2.47
N PHE A 115 9.29 -3.59 2.48
CA PHE A 115 10.31 -4.42 1.85
C PHE A 115 10.42 -4.12 0.36
N GLU A 116 9.28 -4.06 -0.31
CA GLU A 116 9.31 -3.92 -1.77
C GLU A 116 9.95 -2.59 -2.19
N ILE A 117 9.61 -1.50 -1.49
CA ILE A 117 10.22 -0.22 -1.82
C ILE A 117 11.72 -0.23 -1.50
N ILE A 118 12.10 -0.86 -0.38
CA ILE A 118 13.52 -0.99 -0.08
C ILE A 118 14.24 -1.74 -1.19
N ARG A 119 13.68 -2.87 -1.64
CA ARG A 119 14.34 -3.67 -2.66
C ARG A 119 14.33 -2.93 -4.00
N ASN A 120 13.14 -2.52 -4.46
CA ASN A 120 12.98 -2.05 -5.83
C ASN A 120 13.40 -0.59 -5.99
N SER A 121 13.16 0.26 -4.98
CA SER A 121 13.48 1.68 -5.15
C SER A 121 14.84 2.06 -4.59
N ILE A 122 15.32 1.35 -3.56
CA ILE A 122 16.54 1.76 -2.88
C ILE A 122 17.72 0.86 -3.25
N CYS A 123 17.56 -0.47 -3.19
CA CYS A 123 18.70 -1.36 -3.39
C CYS A 123 19.13 -1.50 -4.84
N TYR A 124 18.22 -1.95 -5.71
CA TYR A 124 18.59 -2.12 -7.11
C TYR A 124 19.11 -0.81 -7.69
N PRO A 125 18.45 0.35 -7.50
CA PRO A 125 19.01 1.61 -8.00
C PRO A 125 20.18 2.14 -7.18
N LYS A 126 20.52 1.51 -6.05
CA LYS A 126 21.65 1.87 -5.23
CA LYS A 126 21.64 1.87 -5.21
C LYS A 126 21.52 3.31 -4.69
N LEU A 127 20.41 3.65 -4.03
CA LEU A 127 20.23 5.01 -3.54
C LEU A 127 20.90 5.15 -2.18
N ASN A 128 21.28 6.41 -1.88
CA ASN A 128 22.05 6.69 -0.67
C ASN A 128 21.13 6.86 0.55
N VAL A 129 20.38 5.81 0.95
CA VAL A 129 19.45 5.87 2.06
C VAL A 129 19.98 5.02 3.20
N LYS A 130 19.91 5.56 4.42
CA LYS A 130 20.32 4.81 5.60
C LYS A 130 19.07 4.44 6.40
N ILE A 131 18.87 3.15 6.62
CA ILE A 131 17.67 2.70 7.32
C ILE A 131 18.07 2.34 8.75
N ALA A 132 17.50 3.06 9.72
CA ALA A 132 17.79 2.78 11.11
C ALA A 132 16.59 2.04 11.69
N ALA A 133 16.70 0.73 11.80
CA ALA A 133 15.55 -0.11 12.09
C ALA A 133 15.64 -0.61 13.52
N THR A 134 14.74 -0.13 14.37
CA THR A 134 14.64 -0.67 15.71
C THR A 134 14.00 -2.05 15.65
N HIS A 135 14.66 -3.02 16.25
CA HIS A 135 14.19 -4.39 16.28
C HIS A 135 13.62 -4.64 17.68
N ALA A 136 12.34 -5.01 17.78
CA ALA A 136 11.75 -5.32 19.07
C ALA A 136 12.29 -6.68 19.53
N GLY A 137 12.79 -6.72 20.78
CA GLY A 137 13.48 -7.88 21.32
C GLY A 137 12.53 -8.93 21.87
N GLY A 144 3.05 -10.39 18.57
CA GLY A 144 2.76 -11.68 17.90
C GLY A 144 4.03 -12.38 17.43
N ALA A 145 3.89 -13.27 16.42
CA ALA A 145 5.03 -13.89 15.76
C ALA A 145 5.52 -12.98 14.64
N SER A 146 4.56 -12.45 13.85
CA SER A 146 4.82 -11.63 12.66
C SER A 146 5.51 -10.32 13.04
N HIS A 147 5.03 -9.75 14.17
CA HIS A 147 5.47 -8.46 14.71
CA HIS A 147 5.46 -8.46 14.71
C HIS A 147 6.87 -8.58 15.29
N GLN A 148 7.43 -9.79 15.25
CA GLN A 148 8.84 -10.04 15.49
C GLN A 148 9.45 -10.45 14.15
N ALA A 149 10.35 -9.62 13.65
CA ALA A 149 11.07 -9.91 12.42
C ALA A 149 12.31 -10.73 12.77
N ILE A 150 12.20 -12.07 12.74
CA ILE A 150 13.33 -12.91 13.11
C ILE A 150 14.28 -13.07 11.93
N GLU A 151 13.88 -12.62 10.75
CA GLU A 151 14.69 -12.81 9.54
C GLU A 151 15.03 -11.46 8.86
N ASP A 152 14.94 -10.35 9.61
CA ASP A 152 15.22 -9.04 9.03
C ASP A 152 16.62 -9.00 8.38
N LEU A 153 17.65 -9.48 9.10
CA LEU A 153 19.01 -9.41 8.58
C LEU A 153 19.14 -10.27 7.34
N ALA A 154 18.47 -11.43 7.32
CA ALA A 154 18.57 -12.32 6.17
C ALA A 154 17.97 -11.65 4.93
N LEU A 155 16.81 -10.98 5.10
CA LEU A 155 16.18 -10.33 3.96
C LEU A 155 17.05 -9.18 3.46
N MET A 156 17.63 -8.39 4.38
CA MET A 156 18.49 -7.30 3.93
C MET A 156 19.78 -7.81 3.27
N ARG A 157 20.36 -8.90 3.82
N ARG A 157 20.36 -8.90 3.81
CA ARG A 157 21.62 -9.45 3.33
CA ARG A 157 21.62 -9.43 3.32
C ARG A 157 21.51 -9.83 1.86
C ARG A 157 21.51 -9.83 1.86
N VAL A 158 20.36 -10.39 1.44
CA VAL A 158 20.26 -10.94 0.10
C VAL A 158 19.99 -9.86 -0.94
N LEU A 159 19.72 -8.63 -0.52
CA LEU A 159 19.46 -7.59 -1.50
C LEU A 159 20.77 -7.07 -2.06
N PRO A 160 20.86 -6.74 -3.36
CA PRO A 160 22.08 -6.13 -3.89
C PRO A 160 22.33 -4.75 -3.30
N ASN A 161 23.61 -4.44 -3.09
CA ASN A 161 24.16 -3.15 -2.70
C ASN A 161 23.93 -2.83 -1.22
N MET A 162 22.96 -3.47 -0.56
CA MET A 162 22.62 -3.16 0.81
C MET A 162 23.76 -3.59 1.72
N GLN A 163 24.21 -2.72 2.62
CA GLN A 163 25.16 -3.09 3.66
C GLN A 163 24.37 -3.24 4.96
N VAL A 164 24.81 -4.16 5.82
CA VAL A 164 24.01 -4.48 6.99
C VAL A 164 24.92 -4.43 8.21
N PHE A 165 24.60 -3.53 9.15
CA PHE A 165 25.45 -3.31 10.31
C PHE A 165 24.64 -3.47 11.57
N VAL A 166 25.19 -4.21 12.55
CA VAL A 166 24.46 -4.52 13.76
C VAL A 166 25.31 -4.14 14.97
N PRO A 167 25.17 -2.93 15.53
CA PRO A 167 26.02 -2.51 16.65
C PRO A 167 25.79 -3.34 17.90
N ALA A 168 26.88 -3.62 18.63
CA ALA A 168 26.78 -4.31 19.90
C ALA A 168 26.34 -3.38 21.04
N ASP A 169 26.74 -2.10 21.03
CA ASP A 169 26.55 -1.23 22.19
C ASP A 169 26.50 0.23 21.73
N ALA A 170 26.45 1.15 22.70
CA ALA A 170 26.34 2.57 22.43
C ALA A 170 27.52 3.08 21.60
N ALA A 171 28.74 2.79 22.03
CA ALA A 171 29.92 3.33 21.35
C ALA A 171 29.99 2.83 19.90
N GLN A 172 29.72 1.53 19.68
CA GLN A 172 29.75 1.01 18.31
C GLN A 172 28.62 1.60 17.46
N THR A 173 27.45 1.85 18.08
CA THR A 173 26.37 2.48 17.33
C THR A 173 26.82 3.83 16.78
N ARG A 174 27.42 4.66 17.64
CA ARG A 174 27.87 5.97 17.23
C ARG A 174 28.85 5.86 16.07
N ALA A 175 29.82 4.95 16.20
CA ALA A 175 30.80 4.75 15.15
C ALA A 175 30.13 4.29 13.84
N ILE A 176 29.13 3.39 13.92
CA ILE A 176 28.50 2.87 12.72
C ILE A 176 27.66 3.98 12.06
N VAL A 177 26.98 4.79 12.89
CA VAL A 177 26.12 5.83 12.32
C VAL A 177 26.95 6.86 11.55
N LYS A 178 28.09 7.26 12.15
CA LYS A 178 28.99 8.20 11.51
CA LYS A 178 28.99 8.20 11.51
C LYS A 178 29.56 7.62 10.22
N LYS A 179 29.96 6.34 10.24
CA LYS A 179 30.49 5.75 9.02
C LYS A 179 29.39 5.62 7.94
N ALA A 180 28.18 5.27 8.37
CA ALA A 180 27.07 5.09 7.43
C ALA A 180 26.80 6.37 6.65
N ALA A 181 27.00 7.51 7.32
CA ALA A 181 26.78 8.82 6.70
C ALA A 181 27.84 9.11 5.63
N GLU A 182 29.04 8.52 5.75
CA GLU A 182 30.11 8.80 4.81
C GLU A 182 30.09 7.84 3.63
N ILE A 183 29.63 6.60 3.82
CA ILE A 183 29.64 5.70 2.68
CA ILE A 183 29.51 5.59 2.78
C ILE A 183 28.48 6.05 1.76
N GLU A 184 28.68 5.67 0.48
CA GLU A 184 27.71 6.02 -0.55
C GLU A 184 26.89 4.77 -0.84
N GLY A 185 25.58 4.77 -0.61
CA GLY A 185 24.83 3.57 -0.90
C GLY A 185 23.94 3.19 0.28
N PRO A 186 23.02 2.23 0.05
CA PRO A 186 22.04 1.83 1.07
C PRO A 186 22.67 1.11 2.24
N VAL A 187 22.21 1.44 3.44
CA VAL A 187 22.70 0.84 4.67
C VAL A 187 21.51 0.47 5.55
N TYR A 188 21.58 -0.69 6.19
CA TYR A 188 20.60 -1.08 7.18
C TYR A 188 21.30 -1.20 8.52
N ILE A 189 20.84 -0.42 9.50
CA ILE A 189 21.46 -0.45 10.81
C ILE A 189 20.40 -0.98 11.77
N ARG A 190 20.71 -2.07 12.45
CA ARG A 190 19.74 -2.65 13.35
C ARG A 190 19.97 -2.14 14.76
N LEU A 191 18.93 -1.56 15.37
CA LEU A 191 19.02 -0.96 16.71
C LEU A 191 18.08 -1.72 17.67
N GLY A 192 18.17 -1.41 18.98
CA GLY A 192 17.33 -2.01 20.00
C GLY A 192 16.86 -0.96 21.01
N ARG A 193 15.80 -1.29 21.77
CA ARG A 193 15.20 -0.34 22.70
C ARG A 193 15.76 -0.47 24.12
N SER A 194 16.31 -1.64 24.47
CA SER A 194 16.71 -1.85 25.86
C SER A 194 18.22 -1.65 26.01
N GLY A 195 18.63 -1.24 27.23
CA GLY A 195 20.02 -1.05 27.59
C GLY A 195 20.80 -2.35 27.38
N VAL A 196 22.06 -2.24 26.95
CA VAL A 196 22.87 -3.41 26.67
C VAL A 196 24.24 -3.13 27.24
N PRO A 197 24.97 -4.16 27.74
CA PRO A 197 26.27 -3.95 28.37
C PRO A 197 27.27 -3.26 27.43
N GLU A 198 28.17 -2.47 28.01
CA GLU A 198 29.21 -1.79 27.27
C GLU A 198 30.25 -2.83 26.85
N VAL A 199 30.73 -2.74 25.60
CA VAL A 199 31.67 -3.71 25.08
C VAL A 199 32.87 -2.97 24.49
N PHE A 200 32.64 -1.83 23.83
CA PHE A 200 33.70 -1.10 23.18
C PHE A 200 33.99 0.22 23.89
N SER A 201 35.22 0.73 23.72
CA SER A 201 35.61 2.02 24.27
CA SER A 201 35.59 2.02 24.28
C SER A 201 35.03 3.12 23.39
N PRO A 202 34.84 4.35 23.92
CA PRO A 202 34.27 5.44 23.12
C PRO A 202 35.06 5.84 21.87
N ASP A 203 36.32 5.48 21.73
CA ASP A 203 37.01 5.91 20.51
C ASP A 203 37.07 4.83 19.43
N ILE A 204 36.22 3.79 19.50
CA ILE A 204 36.20 2.75 18.48
C ILE A 204 35.94 3.35 17.10
N ARG A 205 36.62 2.82 16.08
CA ARG A 205 36.39 3.20 14.70
C ARG A 205 35.67 2.02 14.04
N PHE A 206 34.68 2.30 13.20
CA PHE A 206 34.00 1.24 12.51
C PHE A 206 34.40 1.28 11.06
N GLU A 207 34.73 0.11 10.52
CA GLU A 207 34.93 0.06 9.08
C GLU A 207 34.11 -1.11 8.50
N PRO A 208 33.28 -0.89 7.45
CA PRO A 208 32.53 -1.99 6.81
C PRO A 208 33.55 -3.04 6.37
N GLY A 209 33.27 -4.31 6.62
CA GLY A 209 34.18 -5.34 6.14
C GLY A 209 35.21 -5.71 7.19
N ARG A 210 35.18 -5.05 8.35
CA ARG A 210 36.17 -5.34 9.40
C ARG A 210 35.46 -5.72 10.69
N GLY A 211 35.78 -6.89 11.24
CA GLY A 211 35.31 -7.22 12.59
C GLY A 211 36.45 -7.00 13.57
N THR A 212 36.26 -7.39 14.83
CA THR A 212 37.19 -7.05 15.90
C THR A 212 37.43 -8.27 16.77
N VAL A 213 38.71 -8.61 17.00
CA VAL A 213 39.04 -9.63 17.98
C VAL A 213 39.00 -8.95 19.34
N LEU A 214 38.04 -9.35 20.18
CA LEU A 214 37.87 -8.76 21.50
C LEU A 214 38.64 -9.57 22.53
N LYS A 215 38.85 -10.85 22.25
CA LYS A 215 39.55 -11.73 23.16
C LYS A 215 40.26 -12.78 22.32
N GLU A 216 41.49 -13.14 22.75
CA GLU A 216 42.26 -14.13 22.02
C GLU A 216 42.04 -15.52 22.63
N GLY A 217 42.13 -16.57 21.81
CA GLY A 217 42.06 -17.95 22.30
C GLY A 217 42.37 -18.91 21.16
N LYS A 218 42.95 -20.08 21.47
CA LYS A 218 43.40 -20.97 20.42
C LYS A 218 42.43 -22.13 20.14
N ASP A 219 41.44 -22.40 21.00
CA ASP A 219 40.68 -23.66 20.84
C ASP A 219 39.45 -23.54 19.91
N VAL A 220 38.80 -22.36 19.93
CA VAL A 220 37.59 -22.15 19.16
C VAL A 220 37.44 -20.64 18.97
N THR A 221 36.70 -20.23 17.95
CA THR A 221 36.35 -18.82 17.78
C THR A 221 34.85 -18.67 17.90
N ILE A 222 34.41 -17.72 18.73
CA ILE A 222 33.00 -17.36 18.80
C ILE A 222 32.84 -16.04 18.03
N VAL A 223 32.03 -16.07 16.98
CA VAL A 223 31.70 -14.89 16.20
C VAL A 223 30.29 -14.44 16.58
N ALA A 224 30.14 -13.20 16.99
CA ALA A 224 28.82 -12.74 17.45
C ALA A 224 28.57 -11.32 16.93
N LEU A 225 27.30 -10.89 17.03
CA LEU A 225 26.96 -9.50 16.78
C LEU A 225 25.74 -9.13 17.62
N GLY A 226 25.50 -7.81 17.72
CA GLY A 226 24.37 -7.30 18.48
C GLY A 226 24.52 -7.66 19.95
N ILE A 227 23.40 -8.03 20.58
CA ILE A 227 23.38 -8.36 22.00
C ILE A 227 24.21 -9.60 22.26
N MET A 228 24.51 -10.40 21.24
CA MET A 228 25.20 -11.65 21.51
C MET A 228 26.71 -11.45 21.73
N THR A 229 27.24 -10.26 21.39
CA THR A 229 28.67 -10.03 21.57
C THR A 229 29.06 -10.10 23.06
N ALA A 230 28.34 -9.36 23.90
CA ALA A 230 28.59 -9.43 25.34
C ALA A 230 28.38 -10.84 25.88
N LYS A 231 27.41 -11.58 25.33
CA LYS A 231 27.18 -12.94 25.82
C LYS A 231 28.30 -13.87 25.40
N ALA A 232 28.89 -13.61 24.22
CA ALA A 232 30.03 -14.39 23.80
C ALA A 232 31.19 -14.19 24.76
N LEU A 233 31.39 -12.94 25.23
CA LEU A 233 32.47 -12.65 26.17
C LEU A 233 32.19 -13.39 27.49
N GLU A 234 30.91 -13.39 27.95
CA GLU A 234 30.54 -14.14 29.15
CA GLU A 234 30.53 -14.13 29.15
C GLU A 234 30.83 -15.62 28.94
N ALA A 235 30.41 -16.16 27.78
CA ALA A 235 30.63 -17.56 27.51
C ALA A 235 32.12 -17.90 27.54
N ALA A 236 32.96 -16.99 27.01
CA ALA A 236 34.39 -17.24 26.92
C ALA A 236 35.00 -17.34 28.33
N LYS A 237 34.51 -16.53 29.26
CA LYS A 237 34.89 -16.59 30.67
C LYS A 237 34.52 -17.94 31.27
N MET A 238 33.27 -18.38 31.07
CA MET A 238 32.85 -19.68 31.53
C MET A 238 33.71 -20.78 30.91
N LEU A 239 34.12 -20.63 29.65
CA LEU A 239 34.87 -21.69 29.00
C LEU A 239 36.30 -21.76 29.54
N GLU A 240 36.82 -20.60 29.99
CA GLU A 240 38.19 -20.51 30.47
CA GLU A 240 38.19 -20.50 30.47
C GLU A 240 38.30 -21.33 31.74
N ALA A 241 37.29 -21.22 32.62
CA ALA A 241 37.14 -21.99 33.84
C ALA A 241 37.09 -23.49 33.58
N GLU A 242 36.87 -23.95 32.33
CA GLU A 242 36.95 -25.39 32.06
C GLU A 242 38.13 -25.70 31.15
N GLY A 243 39.09 -24.78 31.04
CA GLY A 243 40.30 -25.04 30.26
C GLY A 243 40.10 -24.91 28.74
N ILE A 244 39.09 -24.15 28.29
CA ILE A 244 38.93 -23.93 26.85
C ILE A 244 39.13 -22.44 26.56
N ALA A 245 40.11 -22.14 25.69
CA ALA A 245 40.45 -20.76 25.35
C ALA A 245 39.75 -20.37 24.06
N ALA A 246 38.75 -19.47 24.16
CA ALA A 246 37.96 -19.07 23.02
C ALA A 246 38.40 -17.69 22.52
N ARG A 247 38.66 -17.57 21.21
CA ARG A 247 38.75 -16.26 20.59
C ARG A 247 37.33 -15.71 20.47
N VAL A 248 37.12 -14.44 20.78
CA VAL A 248 35.81 -13.80 20.60
C VAL A 248 35.94 -12.69 19.57
N VAL A 249 35.13 -12.79 18.50
CA VAL A 249 35.13 -11.83 17.42
C VAL A 249 33.76 -11.15 17.34
N ASP A 250 33.76 -9.81 17.33
CA ASP A 250 32.53 -9.07 17.08
C ASP A 250 32.44 -8.81 15.58
N MET A 251 31.28 -9.07 14.99
CA MET A 251 31.09 -8.90 13.55
C MET A 251 29.86 -8.04 13.30
N ALA A 252 29.84 -6.83 13.85
CA ALA A 252 28.81 -5.84 13.56
C ALA A 252 28.64 -5.63 12.06
N SER A 253 29.73 -5.74 11.32
CA SER A 253 29.67 -5.64 9.87
C SER A 253 29.26 -7.00 9.29
N LEU A 254 27.93 -7.21 9.22
CA LEU A 254 27.45 -8.50 8.74
C LEU A 254 27.60 -8.57 7.23
N LYS A 255 27.37 -7.44 6.56
CA LYS A 255 27.56 -7.36 5.14
C LYS A 255 28.11 -5.97 4.80
N PRO A 256 29.31 -5.84 4.19
CA PRO A 256 30.17 -6.98 3.79
C PRO A 256 30.84 -7.59 5.00
N ILE A 257 30.95 -8.93 5.03
CA ILE A 257 31.48 -9.60 6.19
C ILE A 257 33.01 -9.59 6.15
N ASP A 258 33.69 -9.69 7.30
CA ASP A 258 35.15 -9.73 7.32
C ASP A 258 35.65 -11.14 6.98
N ARG A 259 35.74 -11.45 5.68
CA ARG A 259 36.12 -12.77 5.18
CA ARG A 259 36.12 -12.77 5.16
C ARG A 259 37.52 -13.13 5.69
N GLU A 260 38.47 -12.17 5.65
CA GLU A 260 39.87 -12.44 6.01
CA GLU A 260 39.85 -12.43 6.01
C GLU A 260 39.95 -12.83 7.48
N LEU A 261 39.22 -12.13 8.35
CA LEU A 261 39.30 -12.44 9.77
C LEU A 261 38.66 -13.81 10.04
N LEU A 262 37.60 -14.17 9.28
CA LEU A 262 36.97 -15.48 9.47
C LEU A 262 37.99 -16.56 9.09
N VAL A 263 38.64 -16.38 7.94
CA VAL A 263 39.60 -17.39 7.47
C VAL A 263 40.79 -17.50 8.44
N GLU A 264 41.27 -16.36 8.91
CA GLU A 264 42.39 -16.38 9.86
C GLU A 264 41.96 -17.08 11.16
N SER A 265 40.78 -16.74 11.69
CA SER A 265 40.25 -17.41 12.89
C SER A 265 40.12 -18.93 12.67
N ALA A 266 39.70 -19.34 11.47
CA ALA A 266 39.53 -20.75 11.17
C ALA A 266 40.90 -21.44 11.20
N ARG A 267 41.91 -20.83 10.55
CA ARG A 267 43.24 -21.44 10.51
C ARG A 267 43.85 -21.51 11.90
N LEU A 268 43.57 -20.53 12.76
CA LEU A 268 44.19 -20.49 14.07
C LEU A 268 43.47 -21.38 15.06
N THR A 269 42.15 -21.53 14.97
CA THR A 269 41.41 -22.19 16.06
C THR A 269 40.75 -23.50 15.57
N GLY A 270 40.41 -23.61 14.28
CA GLY A 270 39.87 -24.86 13.74
C GLY A 270 38.38 -25.14 14.00
N ALA A 271 37.66 -24.23 14.68
CA ALA A 271 36.24 -24.40 14.91
C ALA A 271 35.59 -23.04 15.21
N VAL A 272 34.36 -22.83 14.75
CA VAL A 272 33.64 -21.59 14.99
C VAL A 272 32.25 -21.86 15.58
N VAL A 273 31.84 -20.98 16.49
CA VAL A 273 30.45 -20.86 16.89
C VAL A 273 29.99 -19.46 16.51
N THR A 274 28.83 -19.35 15.86
CA THR A 274 28.26 -18.05 15.56
C THR A 274 27.07 -17.84 16.50
N ALA A 275 26.85 -16.58 16.90
CA ALA A 275 25.73 -16.28 17.78
C ALA A 275 25.09 -14.99 17.35
N GLU A 276 23.77 -15.05 17.13
CA GLU A 276 23.02 -13.89 16.64
C GLU A 276 21.59 -13.97 17.18
N GLU A 277 21.00 -12.82 17.50
CA GLU A 277 19.59 -12.78 17.87
C GLU A 277 18.78 -12.61 16.59
N HIS A 278 18.65 -13.71 15.87
CA HIS A 278 18.13 -13.73 14.51
C HIS A 278 18.01 -15.20 14.15
N SER A 279 17.20 -15.52 13.15
CA SER A 279 17.07 -16.86 12.61
C SER A 279 18.43 -17.45 12.26
N VAL A 280 18.62 -18.76 12.49
CA VAL A 280 19.83 -19.46 12.05
C VAL A 280 19.92 -19.57 10.53
N ILE A 281 18.84 -19.28 9.80
CA ILE A 281 18.89 -19.33 8.36
CA ILE A 281 18.87 -19.33 8.35
C ILE A 281 19.07 -17.90 7.82
N GLY A 282 20.11 -17.71 7.01
CA GLY A 282 20.32 -16.49 6.26
C GLY A 282 20.98 -15.34 7.02
N GLY A 283 21.40 -15.53 8.28
CA GLY A 283 22.06 -14.48 9.03
C GLY A 283 23.58 -14.68 9.16
N LEU A 284 24.10 -14.48 10.37
CA LEU A 284 25.53 -14.54 10.62
C LEU A 284 26.06 -15.96 10.38
N GLY A 285 25.39 -16.95 10.96
CA GLY A 285 25.82 -18.34 10.78
C GLY A 285 25.92 -18.73 9.32
N SER A 286 24.93 -18.33 8.51
CA SER A 286 24.94 -18.63 7.08
CA SER A 286 24.94 -18.63 7.08
C SER A 286 26.06 -17.88 6.37
N ALA A 287 26.24 -16.59 6.70
CA ALA A 287 27.33 -15.81 6.09
C ALA A 287 28.70 -16.44 6.38
N VAL A 288 28.91 -16.89 7.61
CA VAL A 288 30.19 -17.46 8.02
C VAL A 288 30.40 -18.80 7.33
N ALA A 289 29.35 -19.65 7.30
CA ALA A 289 29.41 -20.95 6.64
C ALA A 289 29.70 -20.77 5.16
N GLU A 290 29.03 -19.79 4.53
CA GLU A 290 29.29 -19.51 3.11
C GLU A 290 30.79 -19.24 2.88
N VAL A 291 31.40 -18.42 3.74
CA VAL A 291 32.79 -18.02 3.55
C VAL A 291 33.72 -19.21 3.80
N LEU A 292 33.59 -19.85 4.96
CA LEU A 292 34.53 -20.89 5.34
C LEU A 292 34.42 -22.12 4.45
N SER A 293 33.20 -22.47 3.95
CA SER A 293 33.06 -23.65 3.12
CA SER A 293 33.08 -23.65 3.13
C SER A 293 33.79 -23.48 1.80
N GLU A 294 33.97 -22.23 1.34
CA GLU A 294 34.66 -21.99 0.07
CA GLU A 294 34.66 -22.00 0.07
C GLU A 294 36.14 -21.63 0.29
N GLU A 295 36.58 -21.41 1.53
CA GLU A 295 37.97 -20.94 1.71
C GLU A 295 38.75 -21.81 2.68
N TYR A 296 38.15 -22.21 3.82
CA TYR A 296 38.86 -23.03 4.79
C TYR A 296 37.86 -23.82 5.63
N PRO A 297 37.34 -24.96 5.10
CA PRO A 297 36.18 -25.61 5.73
C PRO A 297 36.50 -26.09 7.14
N ILE A 298 35.68 -25.71 8.11
CA ILE A 298 35.80 -26.13 9.50
C ILE A 298 34.38 -26.17 10.08
N PRO A 299 34.18 -26.73 11.29
CA PRO A 299 32.87 -26.71 11.93
C PRO A 299 32.42 -25.27 12.17
N VAL A 300 31.17 -25.00 11.80
CA VAL A 300 30.49 -23.77 12.17
C VAL A 300 29.18 -24.17 12.82
N VAL A 301 29.10 -24.01 14.14
CA VAL A 301 27.90 -24.33 14.89
C VAL A 301 27.16 -23.03 15.19
N LYS A 302 25.87 -23.00 14.83
CA LYS A 302 25.11 -21.76 14.73
CA LYS A 302 25.13 -21.75 14.75
C LYS A 302 24.18 -21.64 15.94
N VAL A 303 24.31 -20.56 16.70
CA VAL A 303 23.38 -20.24 17.78
C VAL A 303 22.52 -19.09 17.27
N GLY A 304 21.21 -19.28 17.32
CA GLY A 304 20.25 -18.32 16.82
C GLY A 304 18.83 -18.84 17.02
N VAL A 305 17.84 -18.20 16.42
CA VAL A 305 16.46 -18.63 16.53
C VAL A 305 16.22 -19.80 15.58
N ASN A 306 15.77 -20.94 16.12
CA ASN A 306 15.50 -22.10 15.28
C ASN A 306 14.08 -22.07 14.72
N ASP A 307 13.11 -21.83 15.60
CA ASP A 307 11.69 -21.79 15.21
C ASP A 307 11.01 -20.55 15.79
N VAL A 308 10.17 -19.91 14.98
CA VAL A 308 9.37 -18.72 15.27
C VAL A 308 8.82 -18.64 16.71
N PHE A 309 7.67 -19.30 16.95
CA PHE A 309 6.97 -19.38 18.22
C PHE A 309 7.15 -18.15 19.11
N GLY A 310 6.52 -17.03 18.73
CA GLY A 310 6.53 -15.81 19.54
C GLY A 310 6.14 -16.10 20.98
N GLU A 311 7.07 -15.92 21.93
CA GLU A 311 6.85 -16.29 23.32
C GLU A 311 6.53 -15.07 24.20
N SER A 312 5.76 -14.13 23.66
CA SER A 312 5.36 -12.90 24.34
C SER A 312 6.57 -12.01 24.62
N THR A 314 8.93 -11.67 29.43
CA THR A 314 10.25 -11.30 30.01
C THR A 314 11.30 -11.34 28.90
N PRO A 315 12.29 -10.41 28.90
CA PRO A 315 13.51 -10.57 28.11
C PRO A 315 14.29 -11.87 28.34
N GLN A 316 14.49 -12.25 29.61
CA GLN A 316 15.32 -13.40 29.99
C GLN A 316 14.65 -14.72 29.58
N ALA A 317 13.35 -14.84 29.86
CA ALA A 317 12.58 -16.04 29.54
C ALA A 317 12.59 -16.28 28.03
N LEU A 318 12.60 -15.19 27.23
CA LEU A 318 12.61 -15.23 25.77
C LEU A 318 13.96 -15.75 25.24
N LEU A 319 15.08 -15.16 25.74
CA LEU A 319 16.44 -15.59 25.46
C LEU A 319 16.62 -17.07 25.79
N GLU A 320 16.01 -17.51 26.91
CA GLU A 320 16.15 -18.86 27.43
C GLU A 320 15.38 -19.85 26.55
N LYS A 321 14.15 -19.49 26.15
CA LYS A 321 13.31 -20.35 25.32
C LYS A 321 13.88 -20.47 23.91
N TYR A 322 14.35 -19.34 23.35
CA TYR A 322 14.94 -19.32 22.02
C TYR A 322 16.36 -19.89 21.99
N GLY A 323 17.01 -19.90 23.17
CA GLY A 323 18.33 -20.48 23.31
C GLY A 323 19.42 -19.48 22.91
N LEU A 324 19.37 -18.28 23.52
CA LEU A 324 20.30 -17.19 23.25
C LEU A 324 20.94 -16.69 24.54
N THR A 325 21.47 -17.62 25.34
CA THR A 325 22.19 -17.26 26.56
C THR A 325 23.67 -17.62 26.42
N ALA A 326 24.47 -17.10 27.36
CA ALA A 326 25.89 -17.44 27.43
C ALA A 326 26.04 -18.96 27.50
N ARG A 327 25.14 -19.62 28.27
CA ARG A 327 25.18 -21.07 28.45
CA ARG A 327 25.19 -21.06 28.44
C ARG A 327 24.93 -21.78 27.12
N ASP A 328 24.04 -21.22 26.29
CA ASP A 328 23.79 -21.81 24.98
C ASP A 328 25.05 -21.72 24.11
N VAL A 329 25.80 -20.62 24.23
CA VAL A 329 27.02 -20.45 23.46
C VAL A 329 28.05 -21.48 23.92
N VAL A 330 28.13 -21.68 25.25
CA VAL A 330 29.01 -22.70 25.84
C VAL A 330 28.70 -24.07 25.24
N ALA A 331 27.40 -24.42 25.21
CA ALA A 331 26.99 -25.72 24.68
C ALA A 331 27.38 -25.83 23.22
N ALA A 332 27.21 -24.75 22.44
CA ALA A 332 27.56 -24.77 21.03
C ALA A 332 29.07 -25.01 20.85
N VAL A 333 29.87 -24.38 21.73
CA VAL A 333 31.31 -24.56 21.65
C VAL A 333 31.68 -26.03 21.88
N GLN A 334 31.07 -26.64 22.91
CA GLN A 334 31.34 -28.06 23.18
CA GLN A 334 31.35 -28.05 23.19
C GLN A 334 31.03 -28.91 21.96
N LYS A 335 29.91 -28.61 21.28
CA LYS A 335 29.58 -29.35 20.06
C LYS A 335 30.58 -29.07 18.95
N ALA A 336 31.00 -27.80 18.79
CA ALA A 336 31.97 -27.47 17.75
C ALA A 336 33.29 -28.22 17.96
N LEU A 337 33.76 -28.30 19.21
CA LEU A 337 35.01 -29.03 19.51
C LEU A 337 34.94 -30.49 19.05
N THR A 338 33.79 -31.16 19.24
CA THR A 338 33.69 -32.57 18.90
C THR A 338 33.70 -32.76 17.38
N LEU A 339 33.40 -31.70 16.61
CA LEU A 339 33.32 -31.86 15.16
C LEU A 339 34.67 -31.68 14.47
N LYS A 340 35.69 -31.23 15.20
CA LYS A 340 37.01 -31.06 14.60
C LYS A 340 37.52 -32.39 14.07
N ARG A 341 38.14 -32.36 12.89
CA ARG A 341 38.52 -33.58 12.18
C ARG A 341 40.00 -33.49 11.78
N GLY B 31 -33.72 1.39 23.96
CA GLY B 31 -32.40 0.76 23.90
C GLY B 31 -32.37 -0.41 22.90
N GLY B 32 -32.63 -0.11 21.62
CA GLY B 32 -32.37 -1.01 20.49
C GLY B 32 -30.86 -1.32 20.34
N ILE B 33 -30.55 -2.40 19.64
CA ILE B 33 -29.17 -2.78 19.47
C ILE B 33 -28.47 -1.88 18.43
N ALA B 34 -27.13 -1.93 18.41
CA ALA B 34 -26.33 -1.17 17.45
C ALA B 34 -26.58 -1.70 16.04
N THR B 35 -26.49 -0.81 15.05
CA THR B 35 -26.63 -1.24 13.65
C THR B 35 -25.54 -2.24 13.29
N ARG B 36 -24.34 -2.10 13.88
CA ARG B 36 -23.26 -3.06 13.63
C ARG B 36 -23.67 -4.45 14.10
N GLU B 37 -24.37 -4.49 15.23
CA GLU B 37 -24.82 -5.77 15.77
C GLU B 37 -25.94 -6.36 14.90
N ALA B 38 -26.92 -5.52 14.49
CA ALA B 38 -28.00 -5.95 13.60
C ALA B 38 -27.42 -6.51 12.30
N TYR B 39 -26.33 -5.90 11.80
CA TYR B 39 -25.68 -6.34 10.58
C TYR B 39 -25.18 -7.78 10.74
N GLY B 40 -24.46 -8.06 11.84
CA GLY B 40 -23.96 -9.40 12.12
C GLY B 40 -25.07 -10.46 12.11
N LYS B 41 -26.20 -10.13 12.75
CA LYS B 41 -27.33 -11.06 12.81
C LYS B 41 -27.95 -11.24 11.43
N ALA B 42 -28.06 -10.13 10.66
CA ALA B 42 -28.67 -10.22 9.34
C ALA B 42 -27.84 -11.11 8.44
N LEU B 43 -26.51 -11.10 8.61
CA LEU B 43 -25.67 -11.90 7.71
C LEU B 43 -25.93 -13.39 7.94
N VAL B 44 -26.19 -13.79 9.19
CA VAL B 44 -26.48 -15.19 9.49
C VAL B 44 -27.74 -15.64 8.73
N GLU B 45 -28.82 -14.85 8.81
CA GLU B 45 -30.02 -15.15 8.04
C GLU B 45 -29.72 -15.19 6.55
N LEU B 46 -28.96 -14.21 6.03
CA LEU B 46 -28.66 -14.20 4.61
C LEU B 46 -27.89 -15.47 4.26
N GLY B 47 -26.94 -15.88 5.12
CA GLY B 47 -26.15 -17.06 4.86
C GLY B 47 -27.04 -18.30 4.69
N GLN B 48 -28.10 -18.41 5.51
CA GLN B 48 -29.04 -19.52 5.47
C GLN B 48 -29.83 -19.50 4.16
N GLU B 49 -30.17 -18.29 3.68
CA GLU B 49 -31.07 -18.14 2.54
C GLU B 49 -30.32 -18.02 1.23
N ASN B 50 -29.04 -17.60 1.25
CA ASN B 50 -28.37 -17.26 0.00
C ASN B 50 -26.97 -17.89 0.04
N PRO B 51 -26.73 -18.96 -0.71
CA PRO B 51 -25.44 -19.65 -0.64
C PRO B 51 -24.25 -18.92 -1.27
N LYS B 52 -24.46 -17.77 -1.91
CA LYS B 52 -23.38 -17.08 -2.63
C LYS B 52 -22.71 -15.99 -1.78
N ILE B 53 -23.34 -15.67 -0.63
CA ILE B 53 -22.89 -14.62 0.30
C ILE B 53 -21.60 -15.10 0.96
N VAL B 54 -20.57 -14.24 0.95
CA VAL B 54 -19.35 -14.46 1.73
C VAL B 54 -19.06 -13.21 2.54
N VAL B 55 -18.41 -13.39 3.69
CA VAL B 55 -18.12 -12.29 4.59
C VAL B 55 -16.60 -12.19 4.78
N LEU B 56 -16.05 -10.98 4.63
CA LEU B 56 -14.62 -10.72 4.78
C LEU B 56 -14.43 -9.76 5.94
N ASP B 57 -13.43 -10.07 6.78
CA ASP B 57 -13.12 -9.28 7.96
C ASP B 57 -11.63 -9.48 8.29
N ALA B 58 -10.88 -8.36 8.41
CA ALA B 58 -9.46 -8.45 8.72
C ALA B 58 -9.19 -8.44 10.23
N ASP B 59 -10.22 -8.26 11.04
CA ASP B 59 -10.09 -8.22 12.49
C ASP B 59 -9.84 -9.62 13.03
N LEU B 60 -8.76 -9.80 13.81
CA LEU B 60 -8.36 -11.11 14.26
C LEU B 60 -8.75 -11.40 15.72
N SER B 61 -9.50 -10.49 16.36
CA SER B 61 -9.93 -10.64 17.74
CA SER B 61 -9.95 -10.63 17.74
C SER B 61 -10.82 -11.88 17.90
N LYS B 62 -10.93 -12.32 19.17
CA LYS B 62 -11.68 -13.52 19.51
C LYS B 62 -13.16 -13.33 19.20
N SER B 63 -13.66 -12.11 19.40
CA SER B 63 -15.06 -11.80 19.13
CA SER B 63 -15.06 -11.78 19.13
C SER B 63 -15.40 -12.01 17.65
N THR B 64 -14.47 -11.67 16.74
CA THR B 64 -14.69 -11.85 15.31
C THR B 64 -14.65 -13.33 14.93
N LYS B 65 -13.67 -14.07 15.48
CA LYS B 65 -13.44 -15.47 15.12
C LYS B 65 -14.59 -16.34 15.64
N THR B 66 -15.31 -15.87 16.67
CA THR B 66 -16.40 -16.66 17.22
C THR B 66 -17.75 -15.96 17.04
N SER B 67 -17.84 -14.99 16.13
CA SER B 67 -19.11 -14.37 15.76
C SER B 67 -20.04 -15.44 15.18
N ASP B 68 -21.33 -15.13 15.15
CA ASP B 68 -22.35 -16.08 14.68
C ASP B 68 -22.11 -16.48 13.23
N PHE B 69 -21.72 -15.52 12.38
CA PHE B 69 -21.47 -15.86 11.00
C PHE B 69 -20.30 -16.83 10.91
N ALA B 70 -19.22 -16.54 11.65
CA ALA B 70 -18.01 -17.36 11.68
C ALA B 70 -18.34 -18.81 12.04
N LYS B 71 -19.22 -19.00 13.05
CA LYS B 71 -19.59 -20.33 13.55
C LYS B 71 -20.55 -21.01 12.59
N ALA B 72 -21.53 -20.26 12.06
CA ALA B 72 -22.54 -20.88 11.21
C ALA B 72 -22.01 -21.17 9.80
N PHE B 73 -21.17 -20.30 9.23
CA PHE B 73 -20.72 -20.53 7.86
C PHE B 73 -19.20 -20.36 7.74
N PRO B 74 -18.40 -21.25 8.40
CA PRO B 74 -16.95 -21.09 8.41
C PRO B 74 -16.37 -21.12 7.00
N GLU B 75 -17.01 -21.86 6.10
CA GLU B 75 -16.49 -22.01 4.75
C GLU B 75 -16.77 -20.77 3.90
N ARG B 76 -17.50 -19.78 4.40
CA ARG B 76 -17.79 -18.58 3.65
CA ARG B 76 -17.79 -18.57 3.63
C ARG B 76 -17.37 -17.35 4.46
N PHE B 77 -16.55 -17.58 5.47
CA PHE B 77 -16.04 -16.51 6.31
C PHE B 77 -14.54 -16.38 6.04
N PHE B 78 -14.10 -15.26 5.45
CA PHE B 78 -12.71 -15.00 5.10
C PHE B 78 -12.15 -14.04 6.13
N ASN B 79 -11.43 -14.59 7.09
CA ASN B 79 -10.93 -13.83 8.22
C ASN B 79 -9.42 -13.99 8.13
N MET B 80 -8.68 -12.99 7.67
CA MET B 80 -7.22 -13.10 7.63
CA MET B 80 -7.21 -13.10 7.67
C MET B 80 -6.59 -11.75 7.97
N GLY B 81 -5.39 -11.83 8.58
CA GLY B 81 -4.54 -10.69 8.84
C GLY B 81 -3.97 -10.24 7.51
N ILE B 82 -4.54 -9.14 7.02
CA ILE B 82 -4.18 -8.58 5.72
C ILE B 82 -4.52 -7.10 5.86
N ALA B 83 -3.80 -6.22 5.13
CA ALA B 83 -4.10 -4.79 5.16
C ALA B 83 -5.51 -4.55 4.57
N GLU B 84 -6.21 -3.56 5.12
CA GLU B 84 -7.56 -3.20 4.72
C GLU B 84 -7.70 -2.99 3.20
N GLN B 85 -6.72 -2.33 2.58
CA GLN B 85 -6.83 -2.12 1.14
C GLN B 85 -6.74 -3.46 0.40
N ASN B 86 -5.96 -4.40 0.96
CA ASN B 86 -5.86 -5.72 0.35
C ASN B 86 -7.17 -6.51 0.54
N LEU B 87 -7.81 -6.37 1.69
CA LEU B 87 -9.11 -6.99 1.95
C LEU B 87 -10.14 -6.54 0.92
N MET B 88 -10.17 -5.25 0.57
CA MET B 88 -11.08 -4.75 -0.45
C MET B 88 -10.73 -5.35 -1.81
N GLY B 89 -9.42 -5.48 -2.08
CA GLY B 89 -8.96 -6.12 -3.31
C GLY B 89 -9.39 -7.58 -3.41
N VAL B 90 -9.42 -8.28 -2.26
CA VAL B 90 -9.86 -9.67 -2.21
C VAL B 90 -11.37 -9.73 -2.50
N ALA B 91 -12.13 -8.81 -1.86
CA ALA B 91 -13.57 -8.70 -2.08
C ALA B 91 -13.83 -8.50 -3.57
N ALA B 92 -13.07 -7.58 -4.18
CA ALA B 92 -13.21 -7.32 -5.60
C ALA B 92 -13.05 -8.62 -6.41
N GLY B 93 -11.98 -9.37 -6.14
CA GLY B 93 -11.70 -10.61 -6.86
C GLY B 93 -12.82 -11.65 -6.69
N LEU B 94 -13.25 -11.83 -5.43
CA LEU B 94 -14.28 -12.82 -5.14
C LEU B 94 -15.60 -12.47 -5.82
N SER B 95 -15.87 -11.16 -6.00
CA SER B 95 -17.12 -10.75 -6.62
C SER B 95 -17.16 -11.14 -8.10
N THR B 96 -16.00 -11.32 -8.73
CA THR B 96 -15.97 -11.57 -10.16
C THR B 96 -16.06 -13.08 -10.42
N VAL B 97 -16.07 -13.90 -9.36
CA VAL B 97 -16.15 -15.34 -9.60
C VAL B 97 -17.45 -15.87 -9.01
N GLY B 98 -18.45 -15.00 -8.83
CA GLY B 98 -19.77 -15.47 -8.49
C GLY B 98 -20.13 -15.36 -7.01
N LYS B 99 -19.22 -14.81 -6.17
CA LYS B 99 -19.60 -14.62 -4.78
C LYS B 99 -20.18 -13.22 -4.60
N ILE B 100 -20.89 -13.05 -3.50
CA ILE B 100 -21.44 -11.76 -3.17
C ILE B 100 -20.76 -11.38 -1.85
N PRO B 101 -19.61 -10.68 -1.91
CA PRO B 101 -18.83 -10.39 -0.71
C PRO B 101 -19.36 -9.20 0.06
N PHE B 102 -19.49 -9.40 1.37
CA PHE B 102 -19.74 -8.35 2.33
C PHE B 102 -18.43 -8.11 3.07
N ALA B 103 -17.81 -6.94 2.84
CA ALA B 103 -16.50 -6.63 3.41
C ALA B 103 -16.72 -5.74 4.62
N SER B 104 -16.51 -6.29 5.83
CA SER B 104 -16.67 -5.53 7.06
C SER B 104 -15.39 -4.70 7.27
N THR B 105 -15.55 -3.38 7.45
CA THR B 105 -14.39 -2.52 7.61
C THR B 105 -14.83 -1.30 8.43
N PHE B 106 -14.02 -0.23 8.41
CA PHE B 106 -14.29 1.00 9.14
C PHE B 106 -14.29 2.15 8.15
N ALA B 107 -15.12 3.17 8.44
CA ALA B 107 -15.24 4.32 7.58
C ALA B 107 -13.88 4.98 7.37
N VAL B 108 -13.01 4.97 8.39
CA VAL B 108 -11.71 5.63 8.29
CA VAL B 108 -11.71 5.62 8.31
C VAL B 108 -10.87 4.96 7.21
N PHE B 109 -10.99 3.63 7.08
CA PHE B 109 -10.26 2.93 6.02
C PHE B 109 -10.84 3.26 4.65
N ALA B 110 -12.18 3.28 4.55
CA ALA B 110 -12.86 3.52 3.28
C ALA B 110 -12.51 4.91 2.74
N ALA B 111 -12.37 5.85 3.67
CA ALA B 111 -12.13 7.24 3.29
C ALA B 111 -10.63 7.51 3.11
N GLY B 112 -9.77 6.55 3.49
CA GLY B 112 -8.33 6.79 3.45
C GLY B 112 -7.60 5.71 2.66
N ARG B 113 -7.01 4.76 3.40
CA ARG B 113 -6.13 3.77 2.76
C ARG B 113 -6.85 2.90 1.73
N ALA B 114 -8.18 2.68 1.86
CA ALA B 114 -8.85 1.77 0.92
C ALA B 114 -9.56 2.55 -0.19
N PHE B 115 -9.50 3.88 -0.13
CA PHE B 115 -10.30 4.71 -1.02
C PHE B 115 -9.97 4.42 -2.48
N GLU B 116 -8.67 4.34 -2.79
CA GLU B 116 -8.25 4.20 -4.17
C GLU B 116 -8.75 2.88 -4.78
N ILE B 117 -8.63 1.79 -4.01
CA ILE B 117 -9.10 0.52 -4.52
C ILE B 117 -10.62 0.51 -4.65
N ILE B 118 -11.33 1.14 -3.71
CA ILE B 118 -12.76 1.28 -3.82
C ILE B 118 -13.13 2.02 -5.10
N ARG B 119 -12.47 3.15 -5.35
CA ARG B 119 -12.80 3.93 -6.53
C ARG B 119 -12.39 3.20 -7.81
N ASN B 120 -11.12 2.80 -7.91
CA ASN B 120 -10.56 2.34 -9.18
C ASN B 120 -10.91 0.88 -9.46
N SER B 121 -10.97 0.03 -8.43
CA SER B 121 -11.18 -1.40 -8.66
C SER B 121 -12.64 -1.81 -8.50
N ILE B 122 -13.41 -1.09 -7.67
CA ILE B 122 -14.78 -1.52 -7.38
C ILE B 122 -15.80 -0.63 -8.10
N CYS B 123 -15.69 0.70 -7.98
CA CYS B 123 -16.75 1.57 -8.48
C CYS B 123 -16.73 1.73 -10.00
N TYR B 124 -15.58 2.16 -10.57
CA TYR B 124 -15.54 2.34 -12.02
C TYR B 124 -15.88 1.03 -12.72
N PRO B 125 -15.28 -0.13 -12.36
CA PRO B 125 -15.65 -1.39 -13.02
C PRO B 125 -17.02 -1.91 -12.61
N LYS B 126 -17.68 -1.28 -11.62
CA LYS B 126 -19.00 -1.68 -11.15
C LYS B 126 -19.01 -3.12 -10.62
N LEU B 127 -18.14 -3.44 -9.66
CA LEU B 127 -18.11 -4.79 -9.12
C LEU B 127 -19.15 -4.93 -8.03
N ASN B 128 -19.59 -6.17 -7.82
CA ASN B 128 -20.67 -6.46 -6.90
C ASN B 128 -20.16 -6.64 -5.46
N VAL B 129 -19.58 -5.59 -4.86
CA VAL B 129 -19.01 -5.64 -3.52
C VAL B 129 -19.86 -4.82 -2.57
N LYS B 130 -20.18 -5.37 -1.40
CA LYS B 130 -20.93 -4.65 -0.38
C LYS B 130 -19.96 -4.28 0.74
N ILE B 131 -19.80 -2.99 1.01
CA ILE B 131 -18.87 -2.52 2.01
C ILE B 131 -19.67 -2.17 3.25
N ALA B 132 -19.42 -2.88 4.36
CA ALA B 132 -20.13 -2.60 5.58
C ALA B 132 -19.14 -1.85 6.50
N ALA B 133 -19.27 -0.53 6.54
CA ALA B 133 -18.28 0.32 7.16
C ALA B 133 -18.80 0.82 8.51
N THR B 134 -18.19 0.34 9.59
CA THR B 134 -18.49 0.89 10.90
C THR B 134 -17.88 2.28 11.03
N HIS B 135 -18.69 3.23 11.43
CA HIS B 135 -18.26 4.60 11.62
C HIS B 135 -18.15 4.85 13.12
N ALA B 136 -16.97 5.24 13.61
CA ALA B 136 -16.84 5.59 15.02
C ALA B 136 -17.39 6.98 15.21
N GLY B 137 -18.39 7.15 16.08
CA GLY B 137 -19.13 8.40 16.22
C GLY B 137 -18.49 9.29 17.27
N GLY B 144 -6.27 11.07 16.14
CA GLY B 144 -6.55 12.44 15.69
C GLY B 144 -7.97 12.59 15.14
N ALA B 145 -8.23 13.76 14.55
CA ALA B 145 -9.48 14.10 13.89
C ALA B 145 -9.63 13.32 12.58
N SER B 146 -8.49 12.91 11.97
CA SER B 146 -8.40 12.10 10.77
C SER B 146 -9.07 10.73 10.95
N HIS B 147 -8.86 10.15 12.15
CA HIS B 147 -9.35 8.82 12.53
CA HIS B 147 -9.35 8.83 12.53
C HIS B 147 -10.86 8.85 12.75
N GLN B 148 -11.46 10.03 12.58
CA GLN B 148 -12.91 10.19 12.45
C GLN B 148 -13.14 10.65 11.01
N ALA B 149 -13.79 9.80 10.23
CA ALA B 149 -14.09 10.11 8.84
C ALA B 149 -15.43 10.87 8.78
N ILE B 150 -15.38 12.20 8.85
CA ILE B 150 -16.59 13.00 8.90
CA ILE B 150 -16.57 13.03 8.90
C ILE B 150 -17.17 13.18 7.49
N GLU B 151 -16.42 12.78 6.45
CA GLU B 151 -16.83 12.98 5.06
C GLU B 151 -16.91 11.63 4.31
N ASP B 152 -17.02 10.51 5.03
CA ASP B 152 -17.11 9.20 4.35
C ASP B 152 -18.28 9.14 3.33
N LEU B 153 -19.47 9.61 3.73
CA LEU B 153 -20.63 9.53 2.84
C LEU B 153 -20.38 10.40 1.61
N ALA B 154 -19.75 11.58 1.82
CA ALA B 154 -19.52 12.48 0.70
C ALA B 154 -18.58 11.83 -0.31
N LEU B 155 -17.53 11.16 0.19
CA LEU B 155 -16.57 10.54 -0.73
C LEU B 155 -17.22 9.39 -1.51
N MET B 156 -18.05 8.60 -0.84
CA MET B 156 -18.71 7.50 -1.54
C MET B 156 -19.76 8.02 -2.52
N ARG B 157 -20.50 9.10 -2.16
CA ARG B 157 -21.55 9.65 -3.00
CA ARG B 157 -21.55 9.64 -3.01
C ARG B 157 -21.01 10.08 -4.37
N VAL B 158 -19.80 10.64 -4.40
CA VAL B 158 -19.31 11.18 -5.68
C VAL B 158 -18.73 10.10 -6.60
N LEU B 159 -18.59 8.86 -6.11
CA LEU B 159 -18.04 7.84 -6.99
C LEU B 159 -19.13 7.31 -7.90
N PRO B 160 -18.84 7.00 -9.18
CA PRO B 160 -19.84 6.37 -10.03
C PRO B 160 -20.22 4.98 -9.55
N ASN B 161 -21.52 4.67 -9.71
CA ASN B 161 -22.13 3.36 -9.48
C ASN B 161 -22.36 3.06 -8.00
N MET B 162 -21.59 3.68 -7.10
CA MET B 162 -21.70 3.35 -5.67
C MET B 162 -23.06 3.80 -5.14
N GLN B 163 -23.77 2.91 -4.45
CA GLN B 163 -24.98 3.26 -3.73
C GLN B 163 -24.63 3.36 -2.25
N VAL B 164 -25.31 4.28 -1.55
CA VAL B 164 -24.90 4.61 -0.19
C VAL B 164 -26.13 4.54 0.71
N PHE B 165 -26.12 3.62 1.67
CA PHE B 165 -27.26 3.38 2.52
C PHE B 165 -26.86 3.54 3.99
N VAL B 166 -27.67 4.28 4.75
CA VAL B 166 -27.34 4.58 6.12
C VAL B 166 -28.53 4.18 7.01
N PRO B 167 -28.54 2.95 7.56
CA PRO B 167 -29.68 2.51 8.36
C PRO B 167 -29.85 3.30 9.64
N ALA B 168 -31.11 3.54 10.01
CA ALA B 168 -31.42 4.29 11.20
C ALA B 168 -31.35 3.42 12.46
N ASP B 169 -31.70 2.13 12.35
CA ASP B 169 -31.86 1.26 13.50
C ASP B 169 -31.63 -0.20 13.07
N ALA B 170 -31.85 -1.11 14.02
CA ALA B 170 -31.66 -2.54 13.83
C ALA B 170 -32.52 -3.07 12.68
N ALA B 171 -33.82 -2.78 12.70
CA ALA B 171 -34.73 -3.34 11.71
C ALA B 171 -34.38 -2.84 10.31
N GLN B 172 -34.07 -1.55 10.17
CA GLN B 172 -33.70 -1.04 8.86
C GLN B 172 -32.36 -1.61 8.40
N THR B 173 -31.44 -1.90 9.34
CA THR B 173 -30.16 -2.48 8.96
C THR B 173 -30.40 -3.83 8.28
N ARG B 174 -31.21 -4.65 8.93
CA ARG B 174 -31.53 -5.96 8.40
C ARG B 174 -32.12 -5.86 6.99
N ALA B 175 -33.07 -4.95 6.82
CA ALA B 175 -33.70 -4.73 5.52
C ALA B 175 -32.68 -4.27 4.47
N ILE B 176 -31.75 -3.37 4.86
CA ILE B 176 -30.78 -2.84 3.91
C ILE B 176 -29.80 -3.95 3.53
N VAL B 177 -29.39 -4.76 4.52
CA VAL B 177 -28.42 -5.81 4.25
C VAL B 177 -28.99 -6.83 3.26
N LYS B 178 -30.24 -7.24 3.49
CA LYS B 178 -30.90 -8.21 2.61
C LYS B 178 -31.07 -7.63 1.21
N LYS B 179 -31.46 -6.36 1.11
CA LYS B 179 -31.60 -5.76 -0.20
C LYS B 179 -30.24 -5.63 -0.91
N ALA B 180 -29.20 -5.27 -0.14
CA ALA B 180 -27.88 -5.06 -0.73
C ALA B 180 -27.38 -6.34 -1.37
N ALA B 181 -27.72 -7.48 -0.76
CA ALA B 181 -27.34 -8.79 -1.29
C ALA B 181 -28.00 -9.08 -2.64
N GLU B 182 -29.19 -8.51 -2.90
CA GLU B 182 -29.93 -8.83 -4.11
C GLU B 182 -29.58 -7.86 -5.24
N ILE B 183 -29.26 -6.59 -4.91
CA ILE B 183 -28.85 -5.59 -5.89
CA ILE B 183 -28.96 -5.69 -6.01
C ILE B 183 -27.56 -6.01 -6.56
N GLU B 184 -27.37 -5.64 -7.82
CA GLU B 184 -26.10 -5.81 -8.51
C GLU B 184 -25.33 -4.50 -8.37
N GLY B 185 -24.09 -4.58 -7.92
CA GLY B 185 -23.28 -3.37 -7.95
C GLY B 185 -22.76 -3.01 -6.57
N PRO B 186 -21.82 -2.05 -6.52
CA PRO B 186 -21.18 -1.64 -5.27
C PRO B 186 -22.14 -0.91 -4.33
N VAL B 187 -22.04 -1.26 -3.05
CA VAL B 187 -22.89 -0.69 -2.02
C VAL B 187 -22.01 -0.31 -0.83
N TYR B 188 -22.29 0.84 -0.23
CA TYR B 188 -21.65 1.24 0.99
C TYR B 188 -22.71 1.35 2.06
N ILE B 189 -22.56 0.57 3.15
CA ILE B 189 -23.54 0.58 4.21
C ILE B 189 -22.83 1.12 5.45
N ARG B 190 -23.35 2.20 5.99
CA ARG B 190 -22.68 2.79 7.14
C ARG B 190 -23.33 2.30 8.43
N LEU B 191 -22.51 1.72 9.32
CA LEU B 191 -22.98 1.11 10.57
C LEU B 191 -22.38 1.87 11.77
N GLY B 192 -22.90 1.59 12.97
CA GLY B 192 -22.46 2.20 14.22
C GLY B 192 -22.29 1.17 15.33
N ARG B 193 -21.51 1.48 16.40
CA ARG B 193 -21.20 0.48 17.41
C ARG B 193 -22.12 0.60 18.62
N SER B 194 -22.76 1.75 18.84
CA SER B 194 -23.59 1.94 20.02
C SER B 194 -25.07 1.76 19.68
N GLY B 195 -25.84 1.35 20.70
CA GLY B 195 -27.27 1.16 20.63
C GLY B 195 -27.97 2.42 20.15
N VAL B 196 -29.04 2.27 19.37
CA VAL B 196 -29.77 3.42 18.85
C VAL B 196 -31.26 3.10 18.99
N PRO B 197 -32.13 4.12 19.21
CA PRO B 197 -33.55 3.87 19.42
C PRO B 197 -34.21 3.17 18.24
N GLU B 198 -35.23 2.37 18.51
CA GLU B 198 -36.03 1.70 17.51
C GLU B 198 -36.86 2.76 16.77
N VAL B 199 -36.90 2.69 15.43
CA VAL B 199 -37.64 3.65 14.63
C VAL B 199 -38.61 2.89 13.73
N PHE B 200 -38.17 1.75 13.18
CA PHE B 200 -38.98 1.01 12.23
C PHE B 200 -39.44 -0.32 12.83
N SER B 201 -40.53 -0.88 12.29
CA SER B 201 -40.99 -2.21 12.70
CA SER B 201 -40.98 -2.20 12.71
C SER B 201 -40.13 -3.27 12.01
N PRO B 202 -40.02 -4.49 12.59
CA PRO B 202 -39.19 -5.55 12.01
C PRO B 202 -39.51 -5.95 10.57
N ASP B 203 -40.72 -5.67 10.07
CA ASP B 203 -41.00 -6.17 8.74
C ASP B 203 -40.88 -5.09 7.66
N ILE B 204 -40.17 -3.99 7.93
CA ILE B 204 -39.89 -2.96 6.93
CA ILE B 204 -39.99 -3.00 6.88
C ILE B 204 -39.19 -3.59 5.72
N ARG B 205 -39.50 -3.12 4.52
CA ARG B 205 -38.80 -3.48 3.30
C ARG B 205 -37.99 -2.25 2.87
N PHE B 206 -36.78 -2.44 2.36
CA PHE B 206 -36.00 -1.28 1.97
C PHE B 206 -35.93 -1.28 0.45
N GLU B 207 -36.07 -0.09 -0.14
CA GLU B 207 -35.83 -0.02 -1.57
C GLU B 207 -34.90 1.15 -1.89
N PRO B 208 -33.79 0.95 -2.63
CA PRO B 208 -32.90 2.06 -2.99
C PRO B 208 -33.74 3.12 -3.71
N GLY B 209 -33.53 4.39 -3.38
CA GLY B 209 -34.25 5.45 -4.09
C GLY B 209 -35.60 5.77 -3.48
N ARG B 210 -35.94 5.11 -2.37
CA ARG B 210 -37.20 5.34 -1.69
C ARG B 210 -36.97 5.68 -0.23
N GLY B 211 -37.53 6.81 0.23
CA GLY B 211 -37.47 7.16 1.64
C GLY B 211 -38.81 6.86 2.29
N THR B 212 -38.99 7.26 3.55
CA THR B 212 -40.21 6.94 4.30
C THR B 212 -40.70 8.17 5.06
N VAL B 213 -41.98 8.50 4.93
CA VAL B 213 -42.62 9.51 5.75
C VAL B 213 -42.95 8.86 7.08
N LEU B 214 -42.31 9.34 8.15
CA LEU B 214 -42.50 8.77 9.47
C LEU B 214 -43.53 9.59 10.24
N LYS B 215 -43.74 10.85 9.86
CA LYS B 215 -44.70 11.71 10.54
C LYS B 215 -45.12 12.79 9.54
N GLU B 216 -46.39 13.24 9.59
CA GLU B 216 -46.90 14.23 8.66
CA GLU B 216 -46.93 14.22 8.66
C GLU B 216 -46.94 15.58 9.35
N GLY B 217 -46.80 16.65 8.55
CA GLY B 217 -46.86 18.01 9.03
C GLY B 217 -46.77 18.97 7.84
N LYS B 218 -47.39 20.15 7.94
CA LYS B 218 -47.50 21.01 6.79
C LYS B 218 -46.50 22.18 6.81
N ASP B 219 -45.80 22.44 7.93
CA ASP B 219 -45.01 23.67 8.00
C ASP B 219 -43.57 23.53 7.49
N VAL B 220 -42.98 22.34 7.68
CA VAL B 220 -41.60 22.11 7.31
C VAL B 220 -41.43 20.60 7.16
N THR B 221 -40.39 20.19 6.42
CA THR B 221 -40.03 18.79 6.38
C THR B 221 -38.63 18.64 6.96
N ILE B 222 -38.46 17.69 7.87
CA ILE B 222 -37.14 17.31 8.34
C ILE B 222 -36.76 16.00 7.65
N VAL B 223 -35.66 16.05 6.88
CA VAL B 223 -35.10 14.85 6.26
C VAL B 223 -33.88 14.42 7.05
N ALA B 224 -33.85 13.16 7.48
CA ALA B 224 -32.73 12.72 8.31
C ALA B 224 -32.30 11.31 7.90
N LEU B 225 -31.10 10.92 8.31
CA LEU B 225 -30.70 9.53 8.20
C LEU B 225 -29.81 9.13 9.39
N GLY B 226 -29.57 7.83 9.53
CA GLY B 226 -28.72 7.32 10.60
C GLY B 226 -29.32 7.66 11.95
N ILE B 227 -28.44 8.05 12.89
CA ILE B 227 -28.86 8.34 14.26
C ILE B 227 -29.74 9.59 14.26
N MET B 228 -29.72 10.38 13.19
CA MET B 228 -30.46 11.64 13.26
C MET B 228 -31.95 11.43 13.03
N THR B 229 -32.37 10.26 12.55
CA THR B 229 -33.78 10.02 12.27
C THR B 229 -34.58 10.06 13.57
N ALA B 230 -34.14 9.31 14.59
CA ALA B 230 -34.78 9.35 15.91
C ALA B 230 -34.79 10.77 16.46
N LYS B 231 -33.70 11.52 16.25
CA LYS B 231 -33.65 12.88 16.78
C LYS B 231 -34.59 13.80 16.04
N ALA B 232 -34.80 13.55 14.73
CA ALA B 232 -35.78 14.32 13.99
C ALA B 232 -37.18 14.10 14.54
N LEU B 233 -37.49 12.86 14.93
CA LEU B 233 -38.80 12.57 15.54
C LEU B 233 -38.93 13.31 16.88
N GLU B 234 -37.86 13.31 17.69
CA GLU B 234 -37.85 14.05 18.96
CA GLU B 234 -37.86 14.04 18.96
C GLU B 234 -38.04 15.53 18.67
N ALA B 235 -37.33 16.06 17.66
CA ALA B 235 -37.45 17.47 17.34
C ALA B 235 -38.87 17.82 16.93
N ALA B 236 -39.53 16.90 16.18
CA ALA B 236 -40.88 17.17 15.68
C ALA B 236 -41.85 17.30 16.84
N LYS B 237 -41.66 16.49 17.90
CA LYS B 237 -42.41 16.57 19.14
C LYS B 237 -42.21 17.94 19.80
N MET B 238 -40.95 18.36 19.97
CA MET B 238 -40.67 19.67 20.53
C MET B 238 -41.30 20.77 19.68
N LEU B 239 -41.33 20.60 18.35
CA LEU B 239 -41.84 21.68 17.51
C LEU B 239 -43.36 21.77 17.61
N GLU B 240 -44.01 20.63 17.88
CA GLU B 240 -45.47 20.56 17.95
C GLU B 240 -45.92 21.41 19.14
N ALA B 241 -45.22 21.28 20.27
CA ALA B 241 -45.40 22.05 21.48
C ALA B 241 -45.27 23.56 21.24
N GLU B 242 -44.67 23.99 20.13
CA GLU B 242 -44.58 25.42 19.83
C GLU B 242 -45.43 25.78 18.62
N GLY B 243 -46.36 24.89 18.23
CA GLY B 243 -47.27 25.21 17.14
C GLY B 243 -46.65 25.04 15.74
N ILE B 244 -45.61 24.21 15.60
CA ILE B 244 -45.05 23.97 14.27
C ILE B 244 -45.21 22.48 13.93
N ALA B 245 -45.89 22.20 12.83
CA ALA B 245 -46.14 20.82 12.40
C ALA B 245 -45.09 20.40 11.37
N ALA B 246 -44.24 19.46 11.74
CA ALA B 246 -43.13 19.03 10.89
C ALA B 246 -43.42 17.65 10.28
N ARG B 247 -43.26 17.55 8.95
CA ARG B 247 -43.18 16.24 8.34
C ARG B 247 -41.78 15.69 8.62
N VAL B 248 -41.64 14.40 8.93
CA VAL B 248 -40.34 13.79 9.14
C VAL B 248 -40.15 12.67 8.13
N VAL B 249 -39.03 12.74 7.39
CA VAL B 249 -38.72 11.76 6.36
C VAL B 249 -37.39 11.09 6.70
N ASP B 250 -37.37 9.76 6.69
CA ASP B 250 -36.13 9.01 6.80
C ASP B 250 -35.59 8.77 5.40
N MET B 251 -34.31 9.06 5.20
CA MET B 251 -33.70 8.91 3.89
C MET B 251 -32.44 8.07 4.03
N ALA B 252 -32.57 6.85 4.56
CA ALA B 252 -31.48 5.89 4.61
C ALA B 252 -30.84 5.70 3.24
N SER B 253 -31.67 5.81 2.19
CA SER B 253 -31.15 5.70 0.84
C SER B 253 -30.59 7.04 0.41
N LEU B 254 -29.31 7.29 0.74
CA LEU B 254 -28.72 8.58 0.44
C LEU B 254 -28.41 8.65 -1.06
N LYS B 255 -27.95 7.53 -1.60
CA LYS B 255 -27.69 7.47 -3.04
C LYS B 255 -28.09 6.09 -3.56
N PRO B 256 -29.08 5.96 -4.49
CA PRO B 256 -29.78 7.09 -5.11
C PRO B 256 -30.80 7.65 -4.12
N ILE B 257 -31.00 8.97 -4.13
CA ILE B 257 -31.90 9.59 -3.18
C ILE B 257 -33.35 9.54 -3.71
N ASP B 258 -34.36 9.67 -2.84
CA ASP B 258 -35.76 9.71 -3.27
C ASP B 258 -36.18 11.10 -3.78
N ARG B 259 -35.86 11.41 -5.04
CA ARG B 259 -36.17 12.71 -5.64
C ARG B 259 -37.65 13.08 -5.53
N GLU B 260 -38.56 12.15 -5.86
CA GLU B 260 -39.98 12.48 -5.89
CA GLU B 260 -39.99 12.43 -5.88
C GLU B 260 -40.49 12.77 -4.48
N LEU B 261 -40.02 12.01 -3.47
CA LEU B 261 -40.48 12.30 -2.12
C LEU B 261 -39.99 13.68 -1.64
N LEU B 262 -38.78 14.06 -2.07
CA LEU B 262 -38.23 15.37 -1.69
C LEU B 262 -39.08 16.45 -2.35
N VAL B 263 -39.36 16.29 -3.65
CA VAL B 263 -40.13 17.30 -4.39
C VAL B 263 -41.55 17.39 -3.81
N GLU B 264 -42.17 16.25 -3.51
CA GLU B 264 -43.50 16.29 -2.93
C GLU B 264 -43.48 16.98 -1.56
N SER B 265 -42.51 16.62 -0.70
CA SER B 265 -42.36 17.29 0.60
C SER B 265 -42.16 18.80 0.42
N ALA B 266 -41.37 19.20 -0.59
CA ALA B 266 -41.12 20.62 -0.83
C ALA B 266 -42.42 21.33 -1.20
N ARG B 267 -43.21 20.73 -2.11
CA ARG B 267 -44.44 21.36 -2.58
C ARG B 267 -45.44 21.45 -1.45
N LEU B 268 -45.44 20.48 -0.52
CA LEU B 268 -46.42 20.49 0.55
CA LEU B 268 -46.42 20.47 0.56
C LEU B 268 -46.01 21.41 1.68
N THR B 269 -44.70 21.51 2.00
CA THR B 269 -44.30 22.18 3.24
C THR B 269 -43.50 23.45 2.98
N GLY B 270 -42.84 23.58 1.84
CA GLY B 270 -42.17 24.83 1.47
C GLY B 270 -40.82 25.08 2.16
N ALA B 271 -40.33 24.16 3.00
CA ALA B 271 -39.02 24.33 3.63
C ALA B 271 -38.53 22.99 4.16
N VAL B 272 -37.22 22.77 4.07
CA VAL B 272 -36.62 21.52 4.52
C VAL B 272 -35.46 21.80 5.48
N VAL B 273 -35.31 20.92 6.46
CA VAL B 273 -34.11 20.83 7.27
C VAL B 273 -33.55 19.43 7.06
N THR B 274 -32.24 19.33 6.78
CA THR B 274 -31.61 18.02 6.70
C THR B 274 -30.77 17.79 7.94
N ALA B 275 -30.68 16.53 8.40
CA ALA B 275 -29.92 16.23 9.60
C ALA B 275 -29.13 14.96 9.37
N GLU B 276 -27.80 15.04 9.54
CA GLU B 276 -26.92 13.90 9.32
C GLU B 276 -25.72 14.01 10.27
N GLU B 277 -25.23 12.88 10.77
CA GLU B 277 -24.00 12.84 11.54
C GLU B 277 -22.85 12.69 10.56
N HIS B 278 -22.53 13.79 9.93
CA HIS B 278 -21.65 13.80 8.78
C HIS B 278 -21.42 15.28 8.47
N SER B 279 -20.34 15.59 7.76
CA SER B 279 -20.06 16.93 7.29
C SER B 279 -21.26 17.51 6.55
N VAL B 280 -21.54 18.81 6.74
CA VAL B 280 -22.59 19.50 5.98
C VAL B 280 -22.22 19.63 4.50
N ILE B 281 -20.97 19.36 4.12
CA ILE B 281 -20.58 19.44 2.73
C ILE B 281 -20.57 18.03 2.14
N GLY B 282 -21.33 17.83 1.05
CA GLY B 282 -21.27 16.61 0.26
C GLY B 282 -22.14 15.46 0.77
N GLY B 283 -22.91 15.66 1.85
CA GLY B 283 -23.75 14.58 2.36
C GLY B 283 -25.24 14.75 2.02
N LEU B 284 -26.10 14.49 3.01
CA LEU B 284 -27.54 14.57 2.83
C LEU B 284 -27.98 15.97 2.45
N GLY B 285 -27.48 16.97 3.17
CA GLY B 285 -27.82 18.36 2.92
C GLY B 285 -27.54 18.75 1.48
N SER B 286 -26.36 18.34 0.98
CA SER B 286 -25.95 18.67 -0.37
CA SER B 286 -25.95 18.65 -0.38
C SER B 286 -26.83 17.92 -1.39
N ALA B 287 -27.08 16.62 -1.13
CA ALA B 287 -27.89 15.81 -2.04
C ALA B 287 -29.30 16.42 -2.16
N VAL B 288 -29.89 16.85 -1.04
CA VAL B 288 -31.24 17.41 -1.05
C VAL B 288 -31.26 18.76 -1.75
N ALA B 289 -30.28 19.62 -1.44
CA ALA B 289 -30.16 20.93 -2.09
C ALA B 289 -29.96 20.76 -3.60
N GLU B 290 -29.14 19.80 -4.01
CA GLU B 290 -28.91 19.59 -5.44
C GLU B 290 -30.24 19.25 -6.12
N VAL B 291 -31.06 18.40 -5.50
CA VAL B 291 -32.31 17.94 -6.11
C VAL B 291 -33.31 19.10 -6.14
N LEU B 292 -33.56 19.71 -4.99
CA LEU B 292 -34.58 20.74 -4.92
C LEU B 292 -34.25 21.98 -5.75
N SER B 293 -32.96 22.35 -5.86
CA SER B 293 -32.58 23.53 -6.63
CA SER B 293 -32.58 23.53 -6.62
C SER B 293 -32.88 23.35 -8.11
N GLU B 294 -32.92 22.11 -8.60
CA GLU B 294 -33.16 21.87 -10.02
C GLU B 294 -34.63 21.44 -10.25
N GLU B 295 -35.43 21.25 -9.20
CA GLU B 295 -36.78 20.75 -9.41
C GLU B 295 -37.81 21.68 -8.78
N TYR B 296 -37.60 22.10 -7.52
CA TYR B 296 -38.57 22.90 -6.80
C TYR B 296 -37.89 23.68 -5.68
N PRO B 297 -37.21 24.81 -5.99
CA PRO B 297 -36.31 25.45 -5.03
C PRO B 297 -37.04 25.91 -3.79
N ILE B 298 -36.54 25.49 -2.62
CA ILE B 298 -37.06 25.93 -1.34
C ILE B 298 -35.88 25.98 -0.36
N PRO B 299 -36.04 26.57 0.84
CA PRO B 299 -34.98 26.57 1.83
C PRO B 299 -34.59 25.16 2.20
N VAL B 300 -33.28 24.89 2.23
CA VAL B 300 -32.73 23.66 2.78
C VAL B 300 -31.68 24.06 3.81
N VAL B 301 -32.00 23.90 5.10
CA VAL B 301 -31.08 24.28 6.16
C VAL B 301 -30.47 23.00 6.73
N LYS B 302 -29.13 22.97 6.79
CA LYS B 302 -28.40 21.72 6.99
C LYS B 302 -27.92 21.61 8.43
N VAL B 303 -28.27 20.52 9.11
CA VAL B 303 -27.71 20.18 10.41
C VAL B 303 -26.70 19.07 10.18
N GLY B 304 -25.46 19.30 10.63
CA GLY B 304 -24.38 18.34 10.42
C GLY B 304 -23.09 18.87 11.05
N VAL B 305 -21.97 18.24 10.71
CA VAL B 305 -20.68 18.67 11.25
C VAL B 305 -20.20 19.83 10.39
N ASN B 306 -19.94 20.99 11.02
CA ASN B 306 -19.59 22.19 10.26
C ASN B 306 -18.07 22.26 10.13
N ASP B 307 -17.36 21.92 11.22
CA ASP B 307 -15.92 22.03 11.31
C ASP B 307 -15.23 20.68 11.13
N VAL B 308 -14.30 20.32 12.04
CA VAL B 308 -13.46 19.14 11.92
C VAL B 308 -13.57 18.34 13.22
N PRO B 315 -19.61 10.36 24.54
CA PRO B 315 -20.28 10.51 23.22
C PRO B 315 -21.18 11.74 23.11
N GLN B 316 -21.94 12.01 24.18
CA GLN B 316 -22.97 13.05 24.16
C GLN B 316 -22.36 14.45 24.15
N ALA B 317 -21.27 14.68 24.89
CA ALA B 317 -20.58 15.96 24.89
C ALA B 317 -20.08 16.32 23.48
N LEU B 318 -19.67 15.30 22.70
CA LEU B 318 -19.19 15.53 21.33
C LEU B 318 -20.34 15.81 20.36
N LEU B 319 -21.46 15.09 20.45
CA LEU B 319 -22.72 15.36 19.74
C LEU B 319 -23.20 16.80 20.00
N GLU B 320 -23.03 17.23 21.25
CA GLU B 320 -23.46 18.54 21.73
C GLU B 320 -22.55 19.65 21.19
N LYS B 321 -21.23 19.41 21.20
CA LYS B 321 -20.26 20.37 20.69
C LYS B 321 -20.36 20.51 19.18
N TYR B 322 -20.54 19.39 18.46
CA TYR B 322 -20.74 19.40 17.01
C TYR B 322 -22.13 19.94 16.61
N GLY B 323 -23.11 19.80 17.51
CA GLY B 323 -24.44 20.33 17.30
C GLY B 323 -25.33 19.34 16.55
N LEU B 324 -25.45 18.13 17.12
CA LEU B 324 -26.27 17.07 16.57
C LEU B 324 -27.29 16.56 17.58
N THR B 325 -28.07 17.48 18.14
CA THR B 325 -29.16 17.12 19.04
C THR B 325 -30.50 17.49 18.38
N ALA B 326 -31.57 16.97 19.00
CA ALA B 326 -32.93 17.31 18.62
C ALA B 326 -33.10 18.84 18.64
N ARG B 327 -32.52 19.48 19.66
CA ARG B 327 -32.63 20.93 19.82
C ARG B 327 -31.93 21.67 18.67
N ASP B 328 -30.83 21.10 18.15
CA ASP B 328 -30.17 21.68 16.99
C ASP B 328 -31.09 21.62 15.76
N VAL B 329 -31.86 20.52 15.65
CA VAL B 329 -32.79 20.39 14.55
C VAL B 329 -33.90 21.42 14.69
N VAL B 330 -34.37 21.64 15.93
CA VAL B 330 -35.38 22.64 16.22
C VAL B 330 -34.90 24.02 15.76
N ALA B 331 -33.66 24.35 16.12
CA ALA B 331 -33.09 25.64 15.76
C ALA B 331 -33.05 25.79 14.23
N ALA B 332 -32.62 24.70 13.55
CA ALA B 332 -32.56 24.72 12.09
C ALA B 332 -33.95 24.94 11.46
N VAL B 333 -34.97 24.33 12.05
CA VAL B 333 -36.34 24.52 11.53
C VAL B 333 -36.75 25.98 11.62
N GLN B 334 -36.47 26.59 12.78
CA GLN B 334 -36.82 28.01 12.94
C GLN B 334 -36.12 28.87 11.88
N LYS B 335 -34.86 28.55 11.58
CA LYS B 335 -34.15 29.28 10.54
C LYS B 335 -34.77 29.01 9.16
N ALA B 336 -35.14 27.75 8.89
CA ALA B 336 -35.77 27.40 7.61
C ALA B 336 -37.07 28.18 7.40
N LEU B 337 -37.89 28.31 8.45
CA LEU B 337 -39.16 29.05 8.33
C LEU B 337 -38.93 30.51 7.94
N THR B 338 -37.87 31.16 8.43
CA THR B 338 -37.62 32.56 8.08
C THR B 338 -37.22 32.71 6.62
N LEU B 339 -36.76 31.64 5.97
CA LEU B 339 -36.27 31.76 4.60
C LEU B 339 -37.38 31.58 3.56
N LYS B 340 -38.57 31.16 4.00
CA LYS B 340 -39.68 31.04 3.05
C LYS B 340 -39.99 32.39 2.43
N ARG B 341 -40.28 32.40 1.13
CA ARG B 341 -40.51 33.64 0.39
C ARG B 341 -41.83 33.55 -0.38
N GLY C 31 15.08 -32.03 -25.39
CA GLY C 31 14.17 -30.87 -25.58
C GLY C 31 12.75 -31.19 -25.15
N GLY C 32 12.57 -31.43 -23.84
CA GLY C 32 11.26 -31.55 -23.21
C GLY C 32 10.50 -30.22 -23.16
N ILE C 33 9.27 -30.27 -22.68
CA ILE C 33 8.46 -29.07 -22.57
C ILE C 33 8.91 -28.21 -21.37
N ALA C 34 8.43 -26.95 -21.35
CA ALA C 34 8.68 -26.03 -20.25
C ALA C 34 8.00 -26.54 -18.98
N THR C 35 8.63 -26.26 -17.83
CA THR C 35 8.05 -26.64 -16.55
C THR C 35 6.71 -25.93 -16.36
N ARG C 36 6.57 -24.71 -16.89
CA ARG C 36 5.30 -23.99 -16.79
C ARG C 36 4.21 -24.76 -17.54
N GLU C 37 4.59 -25.39 -18.66
CA GLU C 37 3.60 -26.16 -19.42
C GLU C 37 3.24 -27.46 -18.68
N ALA C 38 4.25 -28.15 -18.12
CA ALA C 38 4.01 -29.36 -17.32
C ALA C 38 3.10 -29.05 -16.13
N TYR C 39 3.26 -27.84 -15.56
CA TYR C 39 2.45 -27.41 -14.43
C TYR C 39 0.97 -27.35 -14.82
N GLY C 40 0.69 -26.69 -15.95
CA GLY C 40 -0.66 -26.60 -16.49
C GLY C 40 -1.33 -27.97 -16.63
N LYS C 41 -0.58 -28.94 -17.17
CA LYS C 41 -1.10 -30.28 -17.38
C LYS C 41 -1.34 -30.99 -16.05
N ALA C 42 -0.39 -30.80 -15.11
CA ALA C 42 -0.53 -31.49 -13.83
C ALA C 42 -1.76 -30.98 -13.08
N LEU C 43 -2.12 -29.70 -13.29
CA LEU C 43 -3.26 -29.15 -12.56
C LEU C 43 -4.55 -29.85 -13.00
N VAL C 44 -4.64 -30.18 -14.29
CA VAL C 44 -5.81 -30.88 -14.83
C VAL C 44 -5.98 -32.21 -14.11
N GLU C 45 -4.89 -33.01 -14.04
CA GLU C 45 -4.95 -34.28 -13.32
C GLU C 45 -5.38 -34.06 -11.88
N LEU C 46 -4.78 -33.07 -11.22
CA LEU C 46 -5.11 -32.82 -9.82
C LEU C 46 -6.59 -32.49 -9.69
N GLY C 47 -7.08 -31.65 -10.62
CA GLY C 47 -8.49 -31.28 -10.59
C GLY C 47 -9.43 -32.50 -10.66
N GLN C 48 -9.06 -33.49 -11.47
CA GLN C 48 -9.82 -34.73 -11.63
C GLN C 48 -9.81 -35.54 -10.35
N GLU C 49 -8.69 -35.55 -9.62
CA GLU C 49 -8.54 -36.41 -8.47
C GLU C 49 -8.93 -35.71 -7.17
N ASN C 50 -8.86 -34.38 -7.14
CA ASN C 50 -8.95 -33.69 -5.87
C ASN C 50 -9.92 -32.52 -6.03
N PRO C 51 -11.14 -32.62 -5.46
CA PRO C 51 -12.12 -31.56 -5.66
C PRO C 51 -11.85 -30.25 -4.92
N LYS C 52 -10.82 -30.19 -4.06
CA LYS C 52 -10.56 -28.99 -3.25
C LYS C 52 -9.58 -28.03 -3.92
N ILE C 53 -8.92 -28.48 -4.99
CA ILE C 53 -7.94 -27.72 -5.75
C ILE C 53 -8.64 -26.57 -6.46
N VAL C 54 -8.10 -25.35 -6.29
CA VAL C 54 -8.52 -24.19 -7.07
C VAL C 54 -7.28 -23.52 -7.63
N VAL C 55 -7.43 -22.92 -8.80
CA VAL C 55 -6.31 -22.31 -9.51
C VAL C 55 -6.61 -20.82 -9.68
N LEU C 56 -5.65 -19.96 -9.33
CA LEU C 56 -5.80 -18.52 -9.43
C LEU C 56 -4.77 -18.00 -10.42
N ASP C 57 -5.20 -17.09 -11.29
CA ASP C 57 -4.33 -16.49 -12.29
C ASP C 57 -4.87 -15.11 -12.64
N ALA C 58 -4.03 -14.07 -12.56
CA ALA C 58 -4.44 -12.70 -12.83
C ALA C 58 -4.30 -12.33 -14.31
N ASP C 59 -3.68 -13.22 -15.11
CA ASP C 59 -3.46 -12.99 -16.52
C ASP C 59 -4.78 -13.14 -17.28
N LEU C 60 -5.15 -12.12 -18.07
CA LEU C 60 -6.45 -12.12 -18.73
C LEU C 60 -6.38 -12.51 -20.21
N SER C 61 -5.19 -12.89 -20.70
CA SER C 61 -4.99 -13.25 -22.11
CA SER C 61 -5.00 -13.25 -22.10
C SER C 61 -5.85 -14.45 -22.50
N LYS C 62 -6.04 -14.61 -23.82
CA LYS C 62 -6.85 -15.67 -24.39
C LYS C 62 -6.24 -17.04 -24.07
N SER C 63 -4.90 -17.12 -24.04
CA SER C 63 -4.21 -18.35 -23.75
CA SER C 63 -4.19 -18.34 -23.75
C SER C 63 -4.55 -18.86 -22.35
N THR C 64 -4.67 -17.94 -21.38
CA THR C 64 -5.01 -18.29 -20.01
C THR C 64 -6.46 -18.73 -19.90
N LYS C 65 -7.37 -17.98 -20.57
CA LYS C 65 -8.80 -18.23 -20.47
C LYS C 65 -9.17 -19.54 -21.13
N THR C 66 -8.34 -20.04 -22.04
CA THR C 66 -8.64 -21.29 -22.73
C THR C 66 -7.60 -22.37 -22.41
N SER C 67 -6.80 -22.20 -21.36
CA SER C 67 -5.91 -23.25 -20.86
C SER C 67 -6.74 -24.48 -20.47
N ASP C 68 -6.08 -25.64 -20.36
CA ASP C 68 -6.77 -26.90 -20.10
C ASP C 68 -7.52 -26.85 -18.78
N PHE C 69 -6.88 -26.28 -17.74
CA PHE C 69 -7.56 -26.24 -16.46
C PHE C 69 -8.82 -25.36 -16.57
N ALA C 70 -8.69 -24.21 -17.25
CA ALA C 70 -9.79 -23.28 -17.44
C ALA C 70 -11.00 -23.97 -18.09
N LYS C 71 -10.73 -24.80 -19.10
CA LYS C 71 -11.77 -25.50 -19.85
C LYS C 71 -12.33 -26.67 -19.03
N ALA C 72 -11.47 -27.43 -18.35
CA ALA C 72 -11.91 -28.60 -17.61
C ALA C 72 -12.61 -28.24 -16.30
N PHE C 73 -12.14 -27.20 -15.58
CA PHE C 73 -12.75 -26.90 -14.29
C PHE C 73 -13.02 -25.41 -14.14
N PRO C 74 -13.92 -24.82 -14.98
CA PRO C 74 -14.17 -23.38 -14.95
C PRO C 74 -14.65 -22.90 -13.59
N GLU C 75 -15.35 -23.73 -12.83
CA GLU C 75 -15.88 -23.30 -11.54
CA GLU C 75 -15.88 -23.30 -11.54
C GLU C 75 -14.79 -23.29 -10.45
N ARG C 76 -13.58 -23.78 -10.76
CA ARG C 76 -12.51 -23.79 -9.77
C ARG C 76 -11.29 -23.05 -10.33
N PHE C 77 -11.54 -22.28 -11.40
CA PHE C 77 -10.54 -21.42 -11.99
C PHE C 77 -10.94 -19.97 -11.68
N PHE C 78 -10.12 -19.28 -10.87
CA PHE C 78 -10.35 -17.91 -10.44
C PHE C 78 -9.42 -17.04 -11.26
N ASN C 79 -9.97 -16.54 -12.37
CA ASN C 79 -9.20 -15.74 -13.29
C ASN C 79 -9.73 -14.32 -13.13
N MET C 80 -9.00 -13.50 -12.37
CA MET C 80 -9.52 -12.21 -11.96
C MET C 80 -8.44 -11.16 -12.20
N GLY C 81 -8.77 -10.15 -13.02
CA GLY C 81 -7.87 -9.04 -13.27
C GLY C 81 -7.78 -8.15 -12.04
N ILE C 82 -6.91 -8.53 -11.10
CA ILE C 82 -6.65 -7.75 -9.92
C ILE C 82 -5.14 -7.72 -9.78
N ALA C 83 -4.64 -6.81 -8.92
CA ALA C 83 -3.22 -6.71 -8.62
C ALA C 83 -2.72 -8.03 -8.03
N GLU C 84 -1.48 -8.36 -8.37
CA GLU C 84 -0.85 -9.61 -7.95
C GLU C 84 -0.89 -9.81 -6.44
N GLN C 85 -0.69 -8.74 -5.66
CA GLN C 85 -0.77 -8.92 -4.22
C GLN C 85 -2.20 -9.28 -3.79
N ASN C 86 -3.21 -8.77 -4.51
CA ASN C 86 -4.59 -9.12 -4.18
C ASN C 86 -4.90 -10.57 -4.58
N LEU C 87 -4.32 -11.05 -5.69
CA LEU C 87 -4.42 -12.44 -6.08
C LEU C 87 -3.92 -13.36 -4.96
N MET C 88 -2.76 -13.02 -4.37
CA MET C 88 -2.22 -13.78 -3.26
C MET C 88 -3.15 -13.71 -2.06
N GLY C 89 -3.76 -12.54 -1.85
CA GLY C 89 -4.69 -12.36 -0.74
C GLY C 89 -5.93 -13.26 -0.91
N VAL C 90 -6.37 -13.44 -2.17
CA VAL C 90 -7.51 -14.31 -2.44
C VAL C 90 -7.10 -15.76 -2.15
N ALA C 91 -5.90 -16.15 -2.61
CA ALA C 91 -5.37 -17.48 -2.35
C ALA C 91 -5.32 -17.74 -0.85
N ALA C 92 -4.81 -16.76 -0.10
CA ALA C 92 -4.73 -16.88 1.35
C ALA C 92 -6.11 -17.17 1.93
N GLY C 93 -7.10 -16.35 1.53
CA GLY C 93 -8.44 -16.49 2.07
C GLY C 93 -9.06 -17.84 1.70
N LEU C 94 -8.90 -18.27 0.44
CA LEU C 94 -9.47 -19.53 -0.01
C LEU C 94 -8.87 -20.70 0.76
N SER C 95 -7.59 -20.59 1.14
CA SER C 95 -6.96 -21.69 1.85
C SER C 95 -7.56 -21.87 3.26
N THR C 96 -8.16 -20.83 3.83
CA THR C 96 -8.67 -20.92 5.19
C THR C 96 -10.12 -21.41 5.17
N VAL C 97 -10.71 -21.62 4.00
CA VAL C 97 -12.09 -22.07 3.94
C VAL C 97 -12.14 -23.44 3.27
N GLY C 98 -11.02 -24.17 3.32
CA GLY C 98 -11.01 -25.56 2.87
C GLY C 98 -10.57 -25.77 1.43
N LYS C 99 -10.15 -24.74 0.69
CA LYS C 99 -9.63 -24.98 -0.65
C LYS C 99 -8.12 -25.16 -0.58
N ILE C 100 -7.57 -25.71 -1.66
CA ILE C 100 -6.14 -25.86 -1.81
C ILE C 100 -5.77 -25.03 -3.02
N PRO C 101 -5.44 -23.73 -2.82
CA PRO C 101 -5.20 -22.84 -3.95
C PRO C 101 -3.80 -22.92 -4.50
N PHE C 102 -3.75 -22.98 -5.83
CA PHE C 102 -2.53 -22.86 -6.60
C PHE C 102 -2.56 -21.49 -7.25
N ALA C 103 -1.68 -20.59 -6.80
CA ALA C 103 -1.64 -19.23 -7.33
C ALA C 103 -0.54 -19.12 -8.37
N SER C 104 -0.94 -18.99 -9.65
CA SER C 104 0.05 -18.83 -10.72
C SER C 104 0.50 -17.37 -10.75
N THR C 105 1.80 -17.14 -10.68
CA THR C 105 2.33 -15.78 -10.64
C THR C 105 3.72 -15.79 -11.26
N PHE C 106 4.45 -14.69 -11.02
CA PHE C 106 5.81 -14.53 -11.53
C PHE C 106 6.72 -14.29 -10.33
N ALA C 107 7.95 -14.78 -10.44
CA ALA C 107 8.93 -14.61 -9.37
C ALA C 107 9.14 -13.13 -9.03
N VAL C 108 9.04 -12.25 -10.05
CA VAL C 108 9.26 -10.82 -9.82
CA VAL C 108 9.24 -10.81 -9.86
C VAL C 108 8.18 -10.27 -8.90
N PHE C 109 6.94 -10.78 -9.02
CA PHE C 109 5.88 -10.33 -8.10
C PHE C 109 6.09 -10.89 -6.70
N ALA C 110 6.53 -12.16 -6.61
CA ALA C 110 6.72 -12.79 -5.30
C ALA C 110 7.82 -12.06 -4.53
N ALA C 111 8.82 -11.57 -5.25
CA ALA C 111 9.97 -10.91 -4.63
C ALA C 111 9.67 -9.42 -4.39
N GLY C 112 8.59 -8.88 -4.97
CA GLY C 112 8.32 -7.46 -4.91
C GLY C 112 6.94 -7.16 -4.30
N ARG C 113 5.99 -6.86 -5.17
CA ARG C 113 4.69 -6.38 -4.73
C ARG C 113 3.92 -7.41 -3.89
N ALA C 114 4.14 -8.72 -4.09
CA ALA C 114 3.36 -9.71 -3.34
C ALA C 114 4.12 -10.22 -2.12
N PHE C 115 5.34 -9.69 -1.91
CA PHE C 115 6.20 -10.26 -0.89
C PHE C 115 5.55 -10.13 0.49
N GLU C 116 5.02 -8.95 0.76
CA GLU C 116 4.50 -8.68 2.10
C GLU C 116 3.32 -9.60 2.44
N ILE C 117 2.40 -9.80 1.49
CA ILE C 117 1.29 -10.70 1.73
CA ILE C 117 1.28 -10.70 1.73
C ILE C 117 1.78 -12.14 1.88
N ILE C 118 2.74 -12.56 1.05
CA ILE C 118 3.31 -13.89 1.21
C ILE C 118 3.92 -14.06 2.61
N ARG C 119 4.72 -13.10 3.06
CA ARG C 119 5.36 -13.25 4.35
C ARG C 119 4.35 -13.14 5.49
N ASN C 120 3.57 -12.05 5.48
CA ASN C 120 2.78 -11.71 6.67
C ASN C 120 1.45 -12.46 6.69
N SER C 121 0.84 -12.72 5.52
CA SER C 121 -0.47 -13.36 5.51
C SER C 121 -0.38 -14.88 5.31
N ILE C 122 0.67 -15.37 4.63
CA ILE C 122 0.73 -16.78 4.27
C ILE C 122 1.75 -17.53 5.13
N CYS C 123 2.99 -17.03 5.22
CA CYS C 123 4.04 -17.80 5.90
C CYS C 123 3.92 -17.79 7.42
N TYR C 124 3.88 -16.61 8.04
CA TYR C 124 3.76 -16.58 9.50
C TYR C 124 2.52 -17.34 9.96
N PRO C 125 1.32 -17.10 9.39
CA PRO C 125 0.14 -17.87 9.79
C PRO C 125 0.12 -19.30 9.29
N LYS C 126 1.09 -19.68 8.43
CA LYS C 126 1.22 -21.04 7.91
CA LYS C 126 1.21 -21.04 7.91
C LYS C 126 -0.02 -21.47 7.11
N LEU C 127 -0.43 -20.69 6.12
CA LEU C 127 -1.62 -21.03 5.35
C LEU C 127 -1.25 -21.97 4.22
N ASN C 128 -2.22 -22.77 3.81
CA ASN C 128 -2.01 -23.86 2.86
C ASN C 128 -2.08 -23.33 1.40
N VAL C 129 -1.18 -22.44 0.99
CA VAL C 129 -1.19 -21.84 -0.35
C VAL C 129 0.01 -22.34 -1.13
N LYS C 130 -0.21 -22.72 -2.40
CA LYS C 130 0.88 -23.15 -3.26
C LYS C 130 1.12 -22.07 -4.30
N ILE C 131 2.34 -21.54 -4.32
CA ILE C 131 2.64 -20.45 -5.25
C ILE C 131 3.43 -21.03 -6.40
N ALA C 132 2.90 -20.91 -7.61
CA ALA C 132 3.58 -21.42 -8.79
C ALA C 132 4.15 -20.22 -9.54
N ALA C 133 5.45 -19.98 -9.36
CA ALA C 133 6.04 -18.72 -9.80
C ALA C 133 6.88 -18.96 -11.04
N THR C 134 6.44 -18.42 -12.16
CA THR C 134 7.27 -18.43 -13.36
C THR C 134 8.40 -17.43 -13.23
N HIS C 135 9.62 -17.91 -13.48
CA HIS C 135 10.80 -17.11 -13.36
C HIS C 135 11.30 -16.85 -14.77
N ALA C 136 11.46 -15.58 -15.15
CA ALA C 136 12.04 -15.24 -16.44
C ALA C 136 13.54 -15.54 -16.41
N GLY C 137 14.04 -16.30 -17.39
CA GLY C 137 15.41 -16.77 -17.41
C GLY C 137 16.40 -15.74 -17.96
N GLY C 144 14.23 -3.15 -15.95
CA GLY C 144 15.52 -3.10 -15.25
C GLY C 144 15.95 -4.49 -14.74
N ALA C 145 17.01 -4.48 -13.92
CA ALA C 145 17.61 -5.65 -13.29
C ALA C 145 16.67 -6.22 -12.22
N SER C 146 15.83 -5.35 -11.65
CA SER C 146 14.81 -5.65 -10.66
C SER C 146 13.77 -6.65 -11.18
N HIS C 147 13.39 -6.46 -12.46
CA HIS C 147 12.37 -7.25 -13.15
CA HIS C 147 12.37 -7.26 -13.14
C HIS C 147 12.88 -8.65 -13.45
N GLN C 148 14.14 -8.92 -13.08
CA GLN C 148 14.70 -10.26 -13.01
C GLN C 148 14.92 -10.54 -11.53
N ALA C 149 14.18 -11.49 -10.99
CA ALA C 149 14.30 -11.81 -9.58
C ALA C 149 15.39 -12.88 -9.42
N ILE C 150 16.64 -12.45 -9.27
CA ILE C 150 17.76 -13.37 -9.19
C ILE C 150 17.86 -13.95 -7.77
N GLU C 151 17.10 -13.39 -6.82
CA GLU C 151 17.17 -13.81 -5.42
C GLU C 151 15.82 -14.33 -4.91
N ASP C 152 14.91 -14.70 -5.84
CA ASP C 152 13.60 -15.21 -5.43
C ASP C 152 13.70 -16.40 -4.45
N LEU C 153 14.56 -17.39 -4.73
CA LEU C 153 14.68 -18.56 -3.88
C LEU C 153 15.17 -18.17 -2.51
N ALA C 154 16.14 -17.22 -2.48
CA ALA C 154 16.69 -16.81 -1.19
C ALA C 154 15.61 -16.15 -0.35
N LEU C 155 14.76 -15.32 -0.99
CA LEU C 155 13.75 -14.61 -0.21
C LEU C 155 12.73 -15.60 0.34
N MET C 156 12.34 -16.58 -0.49
CA MET C 156 11.37 -17.57 -0.01
C MET C 156 11.98 -18.49 1.07
N ARG C 157 13.25 -18.88 0.89
CA ARG C 157 13.92 -19.81 1.81
CA ARG C 157 13.90 -19.81 1.81
C ARG C 157 13.94 -19.26 3.23
N VAL C 158 14.12 -17.93 3.39
CA VAL C 158 14.34 -17.42 4.75
C VAL C 158 13.02 -17.20 5.48
N LEU C 159 11.88 -17.35 4.77
CA LEU C 159 10.62 -17.14 5.47
C LEU C 159 10.26 -18.37 6.28
N PRO C 160 9.67 -18.24 7.48
CA PRO C 160 9.22 -19.43 8.23
C PRO C 160 8.11 -20.17 7.49
N ASN C 161 8.16 -21.50 7.57
CA ASN C 161 7.15 -22.44 7.11
C ASN C 161 7.16 -22.65 5.60
N MET C 162 7.70 -21.72 4.83
CA MET C 162 7.68 -21.84 3.37
C MET C 162 8.58 -23.00 2.93
N GLN C 163 8.10 -23.87 2.05
CA GLN C 163 8.93 -24.89 1.41
C GLN C 163 9.17 -24.45 -0.02
N VAL C 164 10.32 -24.82 -0.58
CA VAL C 164 10.74 -24.24 -1.84
C VAL C 164 11.19 -25.37 -2.74
N PHE C 165 10.52 -25.53 -3.88
CA PHE C 165 10.78 -26.65 -4.76
C PHE C 165 11.07 -26.12 -6.15
N VAL C 166 12.14 -26.63 -6.77
CA VAL C 166 12.58 -26.11 -8.04
C VAL C 166 12.70 -27.29 -9.03
N PRO C 167 11.66 -27.59 -9.82
CA PRO C 167 11.72 -28.76 -10.71
C PRO C 167 12.76 -28.58 -11.81
N ALA C 168 13.43 -29.68 -12.15
CA ALA C 168 14.43 -29.69 -13.20
C ALA C 168 13.78 -29.79 -14.59
N ASP C 169 12.65 -30.49 -14.73
CA ASP C 169 12.09 -30.80 -16.03
C ASP C 169 10.59 -31.06 -15.88
N ALA C 170 9.95 -31.46 -17.00
CA ALA C 170 8.51 -31.68 -17.04
C ALA C 170 8.07 -32.75 -16.04
N ALA C 171 8.74 -33.91 -16.05
CA ALA C 171 8.32 -35.02 -15.20
C ALA C 171 8.44 -34.64 -13.72
N GLN C 172 9.55 -33.96 -13.34
CA GLN C 172 9.68 -33.58 -11.95
C GLN C 172 8.65 -32.50 -11.57
N THR C 173 8.31 -31.62 -12.52
CA THR C 173 7.29 -30.61 -12.23
C THR C 173 5.98 -31.27 -11.84
N ARG C 174 5.56 -32.25 -12.65
CA ARG C 174 4.31 -32.94 -12.40
C ARG C 174 4.34 -33.55 -10.99
N ALA C 175 5.44 -34.24 -10.69
CA ALA C 175 5.59 -34.88 -9.38
C ALA C 175 5.55 -33.86 -8.25
N ILE C 176 6.19 -32.69 -8.44
CA ILE C 176 6.24 -31.68 -7.37
C ILE C 176 4.84 -31.09 -7.18
N VAL C 177 4.15 -30.83 -8.27
CA VAL C 177 2.84 -30.19 -8.18
C VAL C 177 1.86 -31.09 -7.44
N LYS C 178 1.89 -32.39 -7.78
CA LYS C 178 1.02 -33.36 -7.12
C LYS C 178 1.35 -33.48 -5.65
N LYS C 179 2.66 -33.53 -5.32
CA LYS C 179 3.00 -33.61 -3.91
C LYS C 179 2.61 -32.35 -3.13
N ALA C 180 2.80 -31.18 -3.78
CA ALA C 180 2.51 -29.91 -3.14
C ALA C 180 1.05 -29.83 -2.72
N ALA C 181 0.18 -30.43 -3.54
CA ALA C 181 -1.25 -30.48 -3.27
C ALA C 181 -1.58 -31.29 -2.02
N GLU C 182 -0.75 -32.30 -1.70
CA GLU C 182 -1.08 -33.15 -0.56
C GLU C 182 -0.48 -32.62 0.74
N ILE C 183 0.69 -31.97 0.66
CA ILE C 183 1.30 -31.52 1.91
CA ILE C 183 1.41 -31.36 1.78
C ILE C 183 0.55 -30.28 2.42
N GLU C 184 0.65 -30.11 3.75
CA GLU C 184 0.01 -28.99 4.43
C GLU C 184 1.03 -27.85 4.54
N GLY C 185 0.65 -26.65 4.11
CA GLY C 185 1.52 -25.51 4.37
C GLY C 185 1.93 -24.80 3.09
N PRO C 186 2.55 -23.62 3.22
CA PRO C 186 2.93 -22.83 2.05
C PRO C 186 4.05 -23.49 1.25
N VAL C 187 3.93 -23.40 -0.07
CA VAL C 187 4.90 -23.96 -0.97
C VAL C 187 5.20 -22.95 -2.07
N TYR C 188 6.48 -22.84 -2.44
CA TYR C 188 6.87 -22.03 -3.58
C TYR C 188 7.45 -22.95 -4.62
N ILE C 189 6.87 -22.94 -5.84
CA ILE C 189 7.37 -23.82 -6.89
C ILE C 189 7.88 -22.90 -7.99
N ARG C 190 9.15 -23.03 -8.33
CA ARG C 190 9.69 -22.17 -9.36
C ARG C 190 9.58 -22.83 -10.73
N LEU C 191 8.96 -22.14 -11.69
CA LEU C 191 8.73 -22.67 -13.04
C LEU C 191 9.48 -21.82 -14.07
N GLY C 192 9.54 -22.29 -15.31
CA GLY C 192 10.17 -21.59 -16.44
C GLY C 192 9.27 -21.64 -17.67
N ARG C 193 9.47 -20.69 -18.62
CA ARG C 193 8.67 -20.65 -19.84
C ARG C 193 9.31 -21.40 -21.00
N SER C 194 10.61 -21.67 -20.95
CA SER C 194 11.30 -22.30 -22.06
C SER C 194 11.45 -23.81 -21.85
N GLY C 195 11.47 -24.55 -22.96
CA GLY C 195 11.70 -25.99 -22.97
C GLY C 195 13.05 -26.31 -22.32
N VAL C 196 13.10 -27.43 -21.56
CA VAL C 196 14.34 -27.79 -20.88
C VAL C 196 14.55 -29.27 -21.10
N PRO C 197 15.81 -29.75 -21.17
CA PRO C 197 16.10 -31.16 -21.42
C PRO C 197 15.46 -32.08 -20.40
N GLU C 198 15.06 -33.28 -20.85
CA GLU C 198 14.49 -34.31 -19.99
CA GLU C 198 14.49 -34.31 -19.99
C GLU C 198 15.58 -34.86 -19.09
N VAL C 199 15.29 -35.03 -17.80
CA VAL C 199 16.28 -35.54 -16.85
C VAL C 199 15.69 -36.75 -16.12
N PHE C 200 14.40 -36.70 -15.78
CA PHE C 200 13.76 -37.77 -15.03
C PHE C 200 12.75 -38.55 -15.87
N SER C 201 12.48 -39.80 -15.47
CA SER C 201 11.48 -40.61 -16.14
CA SER C 201 11.48 -40.61 -16.15
C SER C 201 10.08 -40.15 -15.74
N PRO C 202 9.05 -40.40 -16.58
CA PRO C 202 7.70 -39.91 -16.30
C PRO C 202 7.08 -40.32 -14.97
N ASP C 203 7.53 -41.41 -14.36
CA ASP C 203 6.85 -41.86 -13.16
C ASP C 203 7.61 -41.49 -11.88
N ILE C 204 8.54 -40.52 -11.92
CA ILE C 204 9.29 -40.09 -10.75
CA ILE C 204 9.27 -40.20 -10.71
C ILE C 204 8.34 -39.64 -9.64
N ARG C 205 8.69 -39.94 -8.39
CA ARG C 205 7.95 -39.51 -7.23
C ARG C 205 8.80 -38.43 -6.54
N PHE C 206 8.16 -37.40 -6.03
CA PHE C 206 8.89 -36.34 -5.37
C PHE C 206 8.54 -36.40 -3.91
N GLU C 207 9.55 -36.26 -3.05
CA GLU C 207 9.26 -36.13 -1.63
C GLU C 207 10.06 -34.94 -1.07
N PRO C 208 9.42 -33.99 -0.34
CA PRO C 208 10.14 -32.84 0.24
C PRO C 208 11.24 -33.39 1.14
N GLY C 209 12.45 -32.83 1.04
CA GLY C 209 13.50 -33.27 1.95
C GLY C 209 14.29 -34.43 1.35
N ARG C 210 13.97 -34.85 0.11
CA ARG C 210 14.72 -35.93 -0.54
C ARG C 210 15.27 -35.42 -1.87
N GLY C 211 16.58 -35.54 -2.06
CA GLY C 211 17.14 -35.34 -3.39
C GLY C 211 17.40 -36.68 -4.06
N THR C 212 18.09 -36.68 -5.21
CA THR C 212 18.27 -37.91 -5.98
C THR C 212 19.69 -37.96 -6.53
N VAL C 213 20.39 -39.10 -6.33
CA VAL C 213 21.66 -39.34 -6.99
C VAL C 213 21.36 -39.78 -8.42
N LEU C 214 21.75 -38.96 -9.39
CA LEU C 214 21.50 -39.24 -10.78
C LEU C 214 22.70 -39.92 -11.41
N LYS C 215 23.89 -39.76 -10.81
CA LYS C 215 25.09 -40.39 -11.30
C LYS C 215 26.03 -40.60 -10.12
N GLU C 216 26.75 -41.73 -10.09
CA GLU C 216 27.68 -42.04 -9.02
C GLU C 216 29.08 -41.55 -9.40
N GLY C 217 29.87 -41.17 -8.40
CA GLY C 217 31.28 -40.83 -8.60
C GLY C 217 31.92 -40.60 -7.23
N LYS C 218 33.22 -40.89 -7.10
CA LYS C 218 33.87 -40.85 -5.80
C LYS C 218 34.68 -39.56 -5.57
N ASP C 219 34.92 -38.72 -6.59
CA ASP C 219 35.90 -37.63 -6.42
C ASP C 219 35.29 -36.34 -5.90
N VAL C 220 34.05 -36.03 -6.33
CA VAL C 220 33.38 -34.80 -5.98
C VAL C 220 31.89 -35.04 -6.15
N THR C 221 31.07 -34.22 -5.50
CA THR C 221 29.63 -34.25 -5.73
C THR C 221 29.18 -32.91 -6.30
N ILE C 222 28.41 -32.95 -7.38
CA ILE C 222 27.78 -31.77 -7.92
C ILE C 222 26.31 -31.80 -7.52
N VAL C 223 25.89 -30.81 -6.73
CA VAL C 223 24.50 -30.64 -6.33
C VAL C 223 23.90 -29.53 -7.19
N ALA C 224 22.80 -29.82 -7.86
CA ALA C 224 22.20 -28.82 -8.73
C ALA C 224 20.68 -28.85 -8.57
N LEU C 225 20.02 -27.79 -9.04
CA LEU C 225 18.58 -27.81 -9.19
C LEU C 225 18.19 -26.97 -10.40
N GLY C 226 16.91 -27.07 -10.80
CA GLY C 226 16.38 -26.31 -11.92
C GLY C 226 17.13 -26.68 -13.20
N ILE C 227 17.41 -25.69 -14.05
CA ILE C 227 18.05 -25.93 -15.33
CA ILE C 227 18.06 -25.92 -15.33
C ILE C 227 19.48 -26.44 -15.11
N MET C 228 20.02 -26.26 -13.90
CA MET C 228 21.43 -26.62 -13.74
C MET C 228 21.62 -28.14 -13.60
N THR C 229 20.53 -28.89 -13.38
CA THR C 229 20.66 -30.33 -13.20
C THR C 229 21.20 -30.99 -14.47
N ALA C 230 20.55 -30.71 -15.61
CA ALA C 230 21.02 -31.20 -16.90
C ALA C 230 22.47 -30.78 -17.17
N LYS C 231 22.83 -29.55 -16.78
CA LYS C 231 24.18 -29.09 -17.06
C LYS C 231 25.19 -29.78 -16.16
N ALA C 232 24.76 -30.13 -14.93
CA ALA C 232 25.64 -30.88 -14.05
C ALA C 232 25.95 -32.25 -14.66
N LEU C 233 24.94 -32.88 -15.28
CA LEU C 233 25.14 -34.17 -15.93
C LEU C 233 26.13 -34.01 -17.09
N GLU C 234 25.98 -32.92 -17.89
CA GLU C 234 26.91 -32.64 -18.97
CA GLU C 234 26.90 -32.62 -18.98
C GLU C 234 28.32 -32.45 -18.40
N ALA C 235 28.43 -31.66 -17.33
CA ALA C 235 29.74 -31.41 -16.75
C ALA C 235 30.38 -32.72 -16.26
N ALA C 236 29.57 -33.63 -15.72
CA ALA C 236 30.08 -34.88 -15.17
C ALA C 236 30.68 -35.73 -16.29
N LYS C 237 30.04 -35.72 -17.47
CA LYS C 237 30.55 -36.39 -18.67
C LYS C 237 31.90 -35.79 -19.06
N MET C 238 31.98 -34.46 -19.16
CA MET C 238 33.23 -33.79 -19.46
C MET C 238 34.30 -34.16 -18.43
N LEU C 239 33.93 -34.29 -17.16
CA LEU C 239 34.93 -34.55 -16.13
C LEU C 239 35.45 -35.98 -16.20
N GLU C 240 34.60 -36.90 -16.67
CA GLU C 240 34.94 -38.30 -16.77
CA GLU C 240 34.90 -38.31 -16.80
C GLU C 240 36.06 -38.47 -17.78
N ALA C 241 35.95 -37.76 -18.91
CA ALA C 241 36.95 -37.68 -19.96
C ALA C 241 38.29 -37.15 -19.45
N GLU C 242 38.36 -36.53 -18.26
CA GLU C 242 39.63 -36.11 -17.71
CA GLU C 242 39.63 -36.10 -17.70
C GLU C 242 39.97 -36.90 -16.45
N GLY C 243 39.31 -38.05 -16.26
CA GLY C 243 39.63 -38.91 -15.13
C GLY C 243 39.07 -38.43 -13.79
N ILE C 244 37.99 -37.61 -13.79
CA ILE C 244 37.39 -37.21 -12.52
C ILE C 244 35.95 -37.75 -12.47
N ALA C 245 35.66 -38.56 -11.45
CA ALA C 245 34.36 -39.19 -11.31
C ALA C 245 33.49 -38.36 -10.36
N ALA C 246 32.46 -37.72 -10.92
CA ALA C 246 31.61 -36.82 -10.14
C ALA C 246 30.27 -37.51 -9.84
N ARG C 247 29.87 -37.52 -8.56
CA ARG C 247 28.51 -37.83 -8.22
C ARG C 247 27.65 -36.61 -8.60
N VAL C 248 26.48 -36.83 -9.19
CA VAL C 248 25.56 -35.74 -9.49
C VAL C 248 24.27 -35.96 -8.70
N VAL C 249 23.88 -34.94 -7.93
CA VAL C 249 22.69 -34.97 -7.12
C VAL C 249 21.74 -33.85 -7.57
N ASP C 250 20.48 -34.21 -7.81
CA ASP C 250 19.44 -33.22 -8.06
C ASP C 250 18.81 -32.88 -6.71
N MET C 251 18.64 -31.59 -6.43
CA MET C 251 18.09 -31.17 -5.15
C MET C 251 16.95 -30.19 -5.41
N ALA C 252 15.93 -30.62 -6.18
CA ALA C 252 14.73 -29.81 -6.41
C ALA C 252 14.13 -29.36 -5.09
N SER C 253 14.27 -30.17 -4.04
CA SER C 253 13.79 -29.83 -2.72
C SER C 253 14.82 -28.93 -2.03
N LEU C 254 14.75 -27.63 -2.32
CA LEU C 254 15.71 -26.69 -1.75
C LEU C 254 15.41 -26.48 -0.26
N LYS C 255 14.13 -26.44 0.08
CA LYS C 255 13.73 -26.32 1.46
C LYS C 255 12.46 -27.13 1.68
N PRO C 256 12.42 -28.16 2.57
CA PRO C 256 13.57 -28.56 3.40
C PRO C 256 14.58 -29.30 2.53
N ILE C 257 15.87 -29.06 2.79
CA ILE C 257 16.90 -29.67 1.95
C ILE C 257 17.19 -31.10 2.46
N ASP C 258 17.71 -31.97 1.60
CA ASP C 258 18.07 -33.33 2.02
C ASP C 258 19.42 -33.36 2.75
N ARG C 259 19.39 -33.08 4.06
CA ARG C 259 20.58 -33.04 4.91
CA ARG C 259 20.59 -33.03 4.90
C ARG C 259 21.35 -34.35 4.84
N GLU C 260 20.65 -35.50 4.94
CA GLU C 260 21.29 -36.81 5.02
CA GLU C 260 21.29 -36.81 5.02
C GLU C 260 22.06 -37.09 3.72
N LEU C 261 21.44 -36.76 2.58
CA LEU C 261 22.11 -37.04 1.32
C LEU C 261 23.34 -36.15 1.18
N LEU C 262 23.26 -34.90 1.68
CA LEU C 262 24.44 -34.00 1.59
C LEU C 262 25.57 -34.58 2.45
N VAL C 263 25.24 -34.99 3.67
CA VAL C 263 26.26 -35.50 4.57
C VAL C 263 26.86 -36.80 4.03
N GLU C 264 26.01 -37.69 3.50
CA GLU C 264 26.52 -38.91 2.88
C GLU C 264 27.43 -38.58 1.69
N SER C 265 27.00 -37.67 0.79
CA SER C 265 27.84 -37.25 -0.32
C SER C 265 29.18 -36.67 0.15
N ALA C 266 29.16 -35.90 1.24
CA ALA C 266 30.39 -35.33 1.78
C ALA C 266 31.33 -36.43 2.27
N ARG C 267 30.80 -37.40 3.03
CA ARG C 267 31.62 -38.50 3.53
C ARG C 267 32.19 -39.34 2.40
N LEU C 268 31.43 -39.51 1.32
CA LEU C 268 31.86 -40.38 0.24
C LEU C 268 32.80 -39.67 -0.73
N THR C 269 32.64 -38.36 -0.96
CA THR C 269 33.39 -37.71 -2.03
C THR C 269 34.32 -36.61 -1.50
N GLY C 270 34.05 -36.01 -0.34
CA GLY C 270 34.98 -35.05 0.27
C GLY C 270 34.98 -33.62 -0.31
N ALA C 271 34.11 -33.32 -1.29
CA ALA C 271 34.07 -32.00 -1.92
C ALA C 271 32.75 -31.85 -2.66
N VAL C 272 32.16 -30.65 -2.59
CA VAL C 272 30.89 -30.39 -3.27
C VAL C 272 30.98 -29.14 -4.14
N VAL C 273 30.33 -29.17 -5.29
CA VAL C 273 30.04 -28.00 -6.08
C VAL C 273 28.53 -27.86 -6.14
N THR C 274 28.01 -26.66 -5.87
CA THR C 274 26.59 -26.41 -6.05
C THR C 274 26.38 -25.59 -7.31
N ALA C 275 25.26 -25.80 -8.00
CA ALA C 275 24.98 -25.06 -9.22
C ALA C 275 23.52 -24.69 -9.27
N GLU C 276 23.24 -23.39 -9.43
CA GLU C 276 21.88 -22.89 -9.42
C GLU C 276 21.78 -21.65 -10.33
N GLU C 277 20.66 -21.50 -11.02
CA GLU C 277 20.38 -20.29 -11.78
C GLU C 277 19.72 -19.29 -10.84
N HIS C 278 20.55 -18.71 -9.99
CA HIS C 278 20.09 -17.94 -8.86
C HIS C 278 21.33 -17.30 -8.28
N SER C 279 21.16 -16.23 -7.52
CA SER C 279 22.25 -15.59 -6.78
C SER C 279 23.02 -16.65 -5.97
N VAL C 280 24.36 -16.51 -5.90
CA VAL C 280 25.18 -17.40 -5.08
C VAL C 280 24.91 -17.21 -3.59
N ILE C 281 24.25 -16.09 -3.22
CA ILE C 281 23.98 -15.83 -1.82
C ILE C 281 22.53 -16.22 -1.52
N GLY C 282 22.32 -17.06 -0.52
CA GLY C 282 21.00 -17.33 0.03
C GLY C 282 20.23 -18.45 -0.67
N GLY C 283 20.80 -19.08 -1.72
CA GLY C 283 20.11 -20.16 -2.42
C GLY C 283 20.69 -21.55 -2.06
N LEU C 284 20.92 -22.37 -3.09
CA LEU C 284 21.38 -23.75 -2.91
C LEU C 284 22.75 -23.79 -2.24
N GLY C 285 23.70 -23.00 -2.76
CA GLY C 285 25.05 -23.00 -2.21
C GLY C 285 25.05 -22.68 -0.71
N SER C 286 24.24 -21.69 -0.31
CA SER C 286 24.16 -21.30 1.09
CA SER C 286 24.16 -21.30 1.09
C SER C 286 23.51 -22.41 1.91
N ALA C 287 22.41 -23.01 1.39
CA ALA C 287 21.74 -24.08 2.12
C ALA C 287 22.70 -25.26 2.33
N VAL C 288 23.48 -25.61 1.32
CA VAL C 288 24.40 -26.75 1.44
C VAL C 288 25.53 -26.44 2.43
N ALA C 289 26.11 -25.22 2.32
CA ALA C 289 27.17 -24.78 3.22
C ALA C 289 26.67 -24.77 4.66
N GLU C 290 25.43 -24.29 4.87
CA GLU C 290 24.88 -24.26 6.22
C GLU C 290 24.86 -25.67 6.81
N VAL C 291 24.41 -26.66 6.02
CA VAL C 291 24.28 -28.01 6.53
C VAL C 291 25.66 -28.63 6.75
N LEU C 292 26.52 -28.61 5.73
CA LEU C 292 27.80 -29.32 5.86
C LEU C 292 28.72 -28.69 6.91
N SER C 293 28.66 -27.36 7.11
CA SER C 293 29.53 -26.73 8.10
CA SER C 293 29.52 -26.70 8.10
C SER C 293 29.19 -27.18 9.51
N GLU C 294 27.92 -27.57 9.75
CA GLU C 294 27.52 -28.00 11.08
CA GLU C 294 27.47 -27.99 11.07
C GLU C 294 27.53 -29.52 11.21
N GLU C 295 27.74 -30.28 10.11
CA GLU C 295 27.65 -31.72 10.24
C GLU C 295 28.90 -32.43 9.71
N TYR C 296 29.44 -32.02 8.56
CA TYR C 296 30.60 -32.69 8.00
C TYR C 296 31.38 -31.73 7.10
N PRO C 297 32.20 -30.84 7.68
CA PRO C 297 32.74 -29.71 6.91
C PRO C 297 33.64 -30.18 5.77
N ILE C 298 33.36 -29.72 4.56
CA ILE C 298 34.14 -30.01 3.38
C ILE C 298 34.05 -28.79 2.45
N PRO C 299 34.88 -28.69 1.40
CA PRO C 299 34.74 -27.63 0.42
C PRO C 299 33.35 -27.62 -0.21
N VAL C 300 32.72 -26.44 -0.24
CA VAL C 300 31.51 -26.21 -1.02
C VAL C 300 31.76 -25.02 -1.93
N VAL C 301 31.94 -25.28 -3.22
CA VAL C 301 32.20 -24.24 -4.21
C VAL C 301 30.90 -23.96 -4.98
N LYS C 302 30.48 -22.71 -5.00
CA LYS C 302 29.17 -22.29 -5.47
C LYS C 302 29.22 -21.75 -6.90
N VAL C 303 28.44 -22.32 -7.81
CA VAL C 303 28.21 -21.78 -9.13
C VAL C 303 26.81 -21.16 -9.14
N GLY C 304 26.74 -19.89 -9.54
CA GLY C 304 25.49 -19.15 -9.54
C GLY C 304 25.70 -17.72 -10.07
N VAL C 305 24.71 -16.85 -9.91
CA VAL C 305 24.83 -15.48 -10.35
C VAL C 305 25.61 -14.71 -9.27
N ASN C 306 26.74 -14.09 -9.66
CA ASN C 306 27.53 -13.30 -8.72
C ASN C 306 27.05 -11.85 -8.74
N ASP C 307 26.90 -11.31 -9.95
CA ASP C 307 26.68 -9.90 -10.20
C ASP C 307 25.37 -9.72 -10.96
N VAL C 308 24.47 -8.89 -10.40
CA VAL C 308 23.24 -8.47 -11.04
C VAL C 308 23.57 -7.42 -12.11
N PHE C 309 23.09 -7.62 -13.34
CA PHE C 309 23.06 -6.61 -14.40
C PHE C 309 22.17 -7.14 -15.53
N GLY C 310 20.87 -6.80 -15.49
CA GLY C 310 19.90 -7.24 -16.48
C GLY C 310 20.43 -7.01 -17.90
N GLU C 311 20.77 -8.09 -18.63
CA GLU C 311 21.65 -8.02 -19.78
C GLU C 311 20.84 -8.24 -21.05
N ALA C 317 24.65 -16.93 -24.62
CA ALA C 317 25.42 -15.71 -24.29
C ALA C 317 25.10 -15.25 -22.86
N LEU C 318 23.85 -15.41 -22.42
CA LEU C 318 23.42 -15.02 -21.08
C LEU C 318 23.98 -15.97 -20.01
N LEU C 319 23.83 -17.30 -20.25
CA LEU C 319 24.43 -18.36 -19.44
C LEU C 319 25.94 -18.18 -19.33
N GLU C 320 26.57 -17.77 -20.45
CA GLU C 320 28.01 -17.60 -20.55
C GLU C 320 28.49 -16.40 -19.76
N LYS C 321 27.77 -15.27 -19.86
CA LYS C 321 28.14 -14.05 -19.16
C LYS C 321 27.91 -14.21 -17.66
N TYR C 322 26.80 -14.84 -17.26
CA TYR C 322 26.48 -15.07 -15.86
C TYR C 322 27.32 -16.22 -15.26
N GLY C 323 27.84 -17.10 -16.14
CA GLY C 323 28.73 -18.17 -15.73
C GLY C 323 27.94 -19.39 -15.25
N LEU C 324 26.98 -19.85 -16.07
CA LEU C 324 26.08 -20.94 -15.76
C LEU C 324 26.10 -21.98 -16.87
N THR C 325 27.30 -22.40 -17.27
CA THR C 325 27.45 -23.42 -18.30
C THR C 325 28.07 -24.66 -17.65
N ALA C 326 28.01 -25.77 -18.40
CA ALA C 326 28.65 -27.00 -17.98
C ALA C 326 30.13 -26.73 -17.71
N ARG C 327 30.77 -25.90 -18.56
CA ARG C 327 32.19 -25.58 -18.39
C ARG C 327 32.45 -24.82 -17.08
N ASP C 328 31.51 -23.97 -16.68
CA ASP C 328 31.64 -23.30 -15.39
C ASP C 328 31.62 -24.30 -14.25
N VAL C 329 30.78 -25.34 -14.39
CA VAL C 329 30.67 -26.35 -13.35
C VAL C 329 31.97 -27.15 -13.28
N VAL C 330 32.52 -27.46 -14.48
CA VAL C 330 33.82 -28.12 -14.59
C VAL C 330 34.88 -27.33 -13.81
N ALA C 331 34.95 -26.02 -14.09
CA ALA C 331 35.95 -25.17 -13.45
C ALA C 331 35.74 -25.19 -11.93
N ALA C 332 34.47 -25.14 -11.47
CA ALA C 332 34.20 -25.15 -10.04
C ALA C 332 34.68 -26.46 -9.40
N VAL C 333 34.49 -27.58 -10.11
CA VAL C 333 34.93 -28.87 -9.60
C VAL C 333 36.44 -28.86 -9.40
N GLN C 334 37.18 -28.38 -10.42
CA GLN C 334 38.63 -28.31 -10.30
C GLN C 334 39.05 -27.48 -9.09
N LYS C 335 38.35 -26.37 -8.82
CA LYS C 335 38.65 -25.57 -7.64
CA LYS C 335 38.66 -25.58 -7.64
C LYS C 335 38.31 -26.34 -6.37
N ALA C 336 37.16 -27.05 -6.35
CA ALA C 336 36.78 -27.82 -5.17
C ALA C 336 37.82 -28.89 -4.85
N LEU C 337 38.34 -29.59 -5.89
CA LEU C 337 39.37 -30.61 -5.66
C LEU C 337 40.59 -30.05 -4.93
N THR C 338 41.04 -28.83 -5.30
CA THR C 338 42.25 -28.27 -4.69
C THR C 338 42.00 -27.89 -3.23
N LEU C 339 40.73 -27.73 -2.81
CA LEU C 339 40.47 -27.32 -1.45
C LEU C 339 40.41 -28.48 -0.45
N LYS C 340 40.44 -29.73 -0.94
CA LYS C 340 40.43 -30.87 -0.04
C LYS C 340 41.65 -30.82 0.88
N ARG C 341 41.44 -31.16 2.16
CA ARG C 341 42.48 -31.06 3.17
C ARG C 341 42.61 -32.41 3.88
N GLY D 31 -6.22 31.82 -29.60
CA GLY D 31 -6.45 31.84 -28.13
C GLY D 31 -5.15 32.05 -27.35
N GLY D 32 -5.31 32.23 -26.04
CA GLY D 32 -4.22 32.26 -25.07
C GLY D 32 -3.55 30.89 -24.91
N ILE D 33 -2.51 30.90 -24.08
CA ILE D 33 -1.79 29.67 -23.78
C ILE D 33 -2.60 28.79 -22.81
N ALA D 34 -2.17 27.53 -22.66
CA ALA D 34 -2.73 26.58 -21.71
C ALA D 34 -2.45 27.08 -20.29
N THR D 35 -3.39 26.81 -19.37
CA THR D 35 -3.17 27.16 -17.96
C THR D 35 -1.94 26.47 -17.41
N ARG D 36 -1.66 25.25 -17.89
CA ARG D 36 -0.46 24.52 -17.46
C ARG D 36 0.79 25.30 -17.85
N GLU D 37 0.75 25.91 -19.03
CA GLU D 37 1.90 26.69 -19.48
C GLU D 37 2.05 27.99 -18.68
N ALA D 38 0.93 28.69 -18.43
CA ALA D 38 0.94 29.89 -17.61
C ALA D 38 1.50 29.59 -16.22
N TYR D 39 1.17 28.40 -15.69
CA TYR D 39 1.63 27.98 -14.37
C TYR D 39 3.15 27.93 -14.35
N GLY D 40 3.75 27.25 -15.34
CA GLY D 40 5.19 27.11 -15.41
C GLY D 40 5.89 28.48 -15.44
N LYS D 41 5.34 29.44 -16.20
CA LYS D 41 5.92 30.78 -16.27
C LYS D 41 5.76 31.50 -14.95
N ALA D 42 4.59 31.35 -14.30
CA ALA D 42 4.36 32.03 -13.03
C ALA D 42 5.34 31.52 -11.98
N LEU D 43 5.74 30.25 -12.06
CA LEU D 43 6.64 29.69 -11.05
C LEU D 43 8.00 30.38 -11.13
N VAL D 44 8.43 30.71 -12.35
CA VAL D 44 9.71 31.37 -12.55
C VAL D 44 9.69 32.73 -11.84
N GLU D 45 8.63 33.54 -12.08
CA GLU D 45 8.49 34.81 -11.38
C GLU D 45 8.46 34.59 -9.86
N LEU D 46 7.71 33.61 -9.38
CA LEU D 46 7.65 33.35 -7.95
C LEU D 46 9.04 33.03 -7.43
N GLY D 47 9.78 32.20 -8.17
CA GLY D 47 11.12 31.85 -7.75
C GLY D 47 12.02 33.08 -7.58
N GLN D 48 11.89 34.05 -8.49
CA GLN D 48 12.65 35.30 -8.47
C GLN D 48 12.28 36.14 -7.25
N GLU D 49 11.01 36.12 -6.85
CA GLU D 49 10.52 37.02 -5.81
C GLU D 49 10.51 36.34 -4.45
N ASN D 50 10.45 35.01 -4.40
CA ASN D 50 10.17 34.33 -3.12
C ASN D 50 11.16 33.19 -2.98
N PRO D 51 12.18 33.30 -2.12
CA PRO D 51 13.21 32.27 -2.03
C PRO D 51 12.77 30.97 -1.35
N LYS D 52 11.55 30.88 -0.81
CA LYS D 52 11.11 29.69 -0.08
C LYS D 52 10.39 28.67 -0.99
N ILE D 53 10.02 29.10 -2.20
CA ILE D 53 9.27 28.32 -3.18
C ILE D 53 10.15 27.18 -3.66
N VAL D 54 9.62 25.96 -3.62
CA VAL D 54 10.26 24.81 -4.26
C VAL D 54 9.21 24.10 -5.13
N VAL D 55 9.69 23.48 -6.21
CA VAL D 55 8.84 22.86 -7.19
C VAL D 55 9.20 21.37 -7.25
N LEU D 56 8.18 20.50 -7.17
CA LEU D 56 8.37 19.07 -7.23
C LEU D 56 7.66 18.54 -8.47
N ASP D 57 8.34 17.63 -9.20
CA ASP D 57 7.78 17.03 -10.40
C ASP D 57 8.39 15.64 -10.57
N ALA D 58 7.55 14.61 -10.75
CA ALA D 58 8.02 13.23 -10.86
C ALA D 58 8.35 12.88 -12.32
N ASP D 59 7.99 13.76 -13.26
CA ASP D 59 8.17 13.51 -14.67
C ASP D 59 9.64 13.65 -15.04
N LEU D 60 10.23 12.61 -15.67
CA LEU D 60 11.67 12.63 -15.93
C LEU D 60 11.98 12.97 -17.40
N SER D 61 10.97 13.33 -18.20
CA SER D 61 11.16 13.67 -19.61
C SER D 61 12.08 14.88 -19.77
N LYS D 62 12.59 15.04 -21.00
CA LYS D 62 13.51 16.10 -21.36
C LYS D 62 12.84 17.47 -21.20
N SER D 63 11.54 17.53 -21.54
CA SER D 63 10.78 18.76 -21.47
CA SER D 63 10.81 18.78 -21.48
C SER D 63 10.73 19.28 -20.03
N THR D 64 10.57 18.37 -19.06
CA THR D 64 10.51 18.74 -17.65
C THR D 64 11.88 19.19 -17.14
N LYS D 65 12.93 18.45 -17.52
CA LYS D 65 14.28 18.70 -17.03
C LYS D 65 14.80 20.03 -17.58
N THR D 66 14.26 20.51 -18.70
CA THR D 66 14.73 21.75 -19.29
C THR D 66 13.66 22.84 -19.28
N SER D 67 12.59 22.67 -18.48
CA SER D 67 11.59 23.72 -18.27
C SER D 67 12.28 24.96 -17.67
N ASP D 68 11.61 26.12 -17.76
CA ASP D 68 12.22 27.38 -17.33
C ASP D 68 12.54 27.36 -15.83
N PHE D 69 11.63 26.77 -15.02
CA PHE D 69 11.91 26.74 -13.59
C PHE D 69 13.16 25.89 -13.34
N ALA D 70 13.23 24.72 -14.02
CA ALA D 70 14.34 23.80 -13.87
C ALA D 70 15.68 24.50 -14.13
N LYS D 71 15.72 25.31 -15.21
CA LYS D 71 16.95 26.00 -15.62
C LYS D 71 17.23 27.19 -14.70
N ALA D 72 16.19 27.96 -14.33
CA ALA D 72 16.40 29.14 -13.50
C ALA D 72 16.71 28.81 -12.04
N PHE D 73 16.08 27.77 -11.47
CA PHE D 73 16.29 27.51 -10.04
C PHE D 73 16.55 26.02 -9.79
N PRO D 74 17.65 25.45 -10.31
CA PRO D 74 17.90 24.01 -10.19
C PRO D 74 17.99 23.56 -8.74
N GLU D 75 18.45 24.41 -7.81
CA GLU D 75 18.53 23.93 -6.42
C GLU D 75 17.18 23.93 -5.71
N ARG D 76 16.12 24.41 -6.35
CA ARG D 76 14.80 24.40 -5.74
CA ARG D 76 14.80 24.45 -5.75
C ARG D 76 13.82 23.63 -6.62
N PHE D 77 14.38 22.84 -7.55
CA PHE D 77 13.61 21.99 -8.42
C PHE D 77 13.90 20.54 -8.02
N PHE D 78 12.88 19.85 -7.45
CA PHE D 78 13.01 18.48 -6.97
C PHE D 78 12.36 17.60 -8.02
N ASN D 79 13.20 17.06 -8.89
CA ASN D 79 12.72 16.27 -9.99
C ASN D 79 13.12 14.83 -9.68
N MET D 80 12.20 14.05 -9.11
CA MET D 80 12.56 12.77 -8.50
C MET D 80 11.67 11.68 -9.10
N GLY D 81 12.28 10.68 -9.73
CA GLY D 81 11.53 9.55 -10.25
C GLY D 81 11.09 8.66 -9.09
N ILE D 82 9.97 9.03 -8.45
CA ILE D 82 9.38 8.24 -7.39
C ILE D 82 7.90 8.22 -7.68
N ALA D 83 7.17 7.33 -6.99
CA ALA D 83 5.73 7.21 -7.17
C ALA D 83 5.07 8.53 -6.74
N GLU D 84 3.99 8.87 -7.42
CA GLU D 84 3.29 10.13 -7.18
C GLU D 84 2.85 10.31 -5.73
N GLN D 85 2.43 9.24 -5.04
CA GLN D 85 2.11 9.42 -3.63
C GLN D 85 3.36 9.80 -2.82
N ASN D 86 4.54 9.29 -3.22
CA ASN D 86 5.78 9.62 -2.52
C ASN D 86 6.19 11.06 -2.81
N LEU D 87 5.96 11.54 -4.05
CA LEU D 87 6.18 12.93 -4.39
C LEU D 87 5.39 13.87 -3.47
N MET D 88 4.11 13.54 -3.25
CA MET D 88 3.27 14.31 -2.33
C MET D 88 3.82 14.22 -0.92
N GLY D 89 4.36 13.06 -0.54
CA GLY D 89 4.92 12.90 0.80
C GLY D 89 6.17 13.77 0.98
N VAL D 90 6.95 13.95 -0.09
CA VAL D 90 8.10 14.84 -0.03
C VAL D 90 7.61 16.29 0.11
N ALA D 91 6.58 16.67 -0.66
CA ALA D 91 5.99 18.00 -0.56
C ALA D 91 5.52 18.25 0.87
N ALA D 92 4.83 17.28 1.44
CA ALA D 92 4.38 17.39 2.82
C ALA D 92 5.55 17.68 3.75
N GLY D 93 6.62 16.89 3.63
CA GLY D 93 7.79 17.02 4.49
C GLY D 93 8.45 18.39 4.31
N LEU D 94 8.63 18.83 3.05
CA LEU D 94 9.27 20.11 2.76
C LEU D 94 8.46 21.27 3.34
N SER D 95 7.13 21.13 3.38
CA SER D 95 6.32 22.21 3.89
C SER D 95 6.52 22.39 5.41
N THR D 96 6.96 21.35 6.12
CA THR D 96 7.10 21.43 7.56
C THR D 96 8.49 21.95 7.93
N VAL D 97 9.37 22.16 6.96
CA VAL D 97 10.71 22.63 7.29
C VAL D 97 10.93 24.00 6.67
N GLY D 98 9.85 24.73 6.39
CA GLY D 98 9.98 26.10 5.98
C GLY D 98 9.88 26.36 4.47
N LYS D 99 9.70 25.32 3.63
CA LYS D 99 9.58 25.59 2.21
C LYS D 99 8.11 25.74 1.84
N ILE D 100 7.87 26.30 0.66
CA ILE D 100 6.52 26.43 0.16
C ILE D 100 6.48 25.59 -1.12
N PRO D 101 6.12 24.29 -1.02
CA PRO D 101 6.20 23.38 -2.17
C PRO D 101 5.01 23.45 -3.09
N PHE D 102 5.30 23.57 -4.38
CA PHE D 102 4.36 23.42 -5.46
C PHE D 102 4.61 22.05 -6.10
N ALA D 103 3.66 21.13 -5.92
CA ALA D 103 3.81 19.77 -6.44
C ALA D 103 3.05 19.67 -7.76
N SER D 104 3.77 19.55 -8.87
CA SER D 104 3.15 19.42 -10.18
C SER D 104 2.75 17.97 -10.36
N THR D 105 1.47 17.70 -10.62
CA THR D 105 1.01 16.32 -10.74
C THR D 105 -0.17 16.30 -11.70
N PHE D 106 -0.94 15.21 -11.67
CA PHE D 106 -2.09 15.02 -12.53
C PHE D 106 -3.29 14.75 -11.67
N ALA D 107 -4.46 15.22 -12.12
CA ALA D 107 -5.71 14.99 -11.39
C ALA D 107 -5.93 13.48 -11.14
N VAL D 108 -5.51 12.61 -12.07
CA VAL D 108 -5.72 11.18 -11.93
CA VAL D 108 -5.74 11.19 -11.91
C VAL D 108 -5.00 10.67 -10.69
N PHE D 109 -3.79 11.20 -10.42
CA PHE D 109 -3.04 10.79 -9.24
C PHE D 109 -3.71 11.33 -7.98
N ALA D 110 -4.18 12.58 -8.02
CA ALA D 110 -4.78 13.20 -6.85
C ALA D 110 -6.04 12.46 -6.44
N ALA D 111 -6.78 11.96 -7.43
CA ALA D 111 -8.03 11.27 -7.18
C ALA D 111 -7.80 9.77 -6.87
N GLY D 112 -6.58 9.28 -7.08
CA GLY D 112 -6.32 7.85 -6.94
C GLY D 112 -5.18 7.55 -5.96
N ARG D 113 -4.00 7.26 -6.51
CA ARG D 113 -2.89 6.79 -5.70
C ARG D 113 -2.40 7.82 -4.70
N ALA D 114 -2.56 9.14 -4.94
CA ALA D 114 -2.06 10.14 -3.99
C ALA D 114 -3.17 10.64 -3.06
N PHE D 115 -4.39 10.11 -3.22
CA PHE D 115 -5.52 10.66 -2.49
C PHE D 115 -5.30 10.52 -0.98
N GLU D 116 -4.86 9.34 -0.56
CA GLU D 116 -4.75 9.06 0.87
C GLU D 116 -3.74 10.01 1.54
N ILE D 117 -2.60 10.22 0.88
CA ILE D 117 -1.59 11.10 1.46
CA ILE D 117 -1.57 11.12 1.44
C ILE D 117 -2.10 12.55 1.45
N ILE D 118 -2.79 12.96 0.38
CA ILE D 118 -3.39 14.29 0.35
C ILE D 118 -4.35 14.47 1.52
N ARG D 119 -5.25 13.51 1.72
CA ARG D 119 -6.24 13.65 2.77
C ARG D 119 -5.58 13.55 4.14
N ASN D 120 -4.82 12.46 4.37
CA ASN D 120 -4.41 12.14 5.75
C ASN D 120 -3.17 12.91 6.15
N SER D 121 -2.23 13.15 5.22
CA SER D 121 -0.98 13.81 5.57
C SER D 121 -0.99 15.32 5.31
N ILE D 122 -1.81 15.80 4.37
CA ILE D 122 -1.77 17.22 4.01
C ILE D 122 -2.99 17.95 4.54
N CYS D 123 -4.21 17.45 4.29
CA CYS D 123 -5.41 18.22 4.64
C CYS D 123 -5.72 18.20 6.13
N TYR D 124 -5.87 17.03 6.75
CA TYR D 124 -6.19 17.01 8.18
C TYR D 124 -5.13 17.76 8.98
N PRO D 125 -3.81 17.52 8.80
CA PRO D 125 -2.80 18.30 9.51
C PRO D 125 -2.65 19.75 9.02
N LYS D 126 -3.33 20.10 7.92
CA LYS D 126 -3.32 21.45 7.37
CA LYS D 126 -3.32 21.46 7.37
C LYS D 126 -1.91 21.91 6.96
N LEU D 127 -1.22 21.11 6.13
CA LEU D 127 0.13 21.48 5.74
C LEU D 127 0.07 22.44 4.55
N ASN D 128 1.13 23.23 4.43
CA ASN D 128 1.18 24.33 3.47
C ASN D 128 1.67 23.81 2.10
N VAL D 129 0.93 22.89 1.46
CA VAL D 129 1.33 22.29 0.19
C VAL D 129 0.40 22.81 -0.91
N LYS D 130 0.97 23.20 -2.05
CA LYS D 130 0.18 23.63 -3.19
C LYS D 130 0.25 22.53 -4.25
N ILE D 131 -0.90 21.99 -4.64
CA ILE D 131 -0.94 20.91 -5.61
C ILE D 131 -1.37 21.51 -6.93
N ALA D 132 -0.51 21.44 -7.95
CA ALA D 132 -0.88 21.92 -9.27
C ALA D 132 -1.19 20.70 -10.14
N ALA D 133 -2.47 20.40 -10.31
CA ALA D 133 -2.89 19.14 -10.94
C ALA D 133 -3.37 19.39 -12.36
N THR D 134 -2.63 18.88 -13.33
CA THR D 134 -3.07 18.91 -14.71
C THR D 134 -4.20 17.89 -14.94
N HIS D 135 -5.29 18.38 -15.49
CA HIS D 135 -6.45 17.56 -15.77
C HIS D 135 -6.51 17.31 -17.27
N ALA D 136 -6.62 16.06 -17.71
CA ALA D 136 -6.82 15.75 -19.13
C ALA D 136 -8.17 16.24 -19.68
N GLY D 137 -8.28 16.47 -20.99
CA GLY D 137 -9.54 16.91 -21.58
C GLY D 137 -10.67 15.89 -21.46
N LEU D 138 -11.89 16.27 -21.85
CA LEU D 138 -13.01 15.32 -21.92
C LEU D 138 -12.84 14.33 -23.08
N THR D 139 -11.99 13.30 -22.88
CA THR D 139 -11.51 12.37 -23.89
C THR D 139 -11.02 11.09 -23.20
N VAL D 140 -11.82 10.02 -23.23
CA VAL D 140 -11.47 8.75 -22.58
C VAL D 140 -10.09 8.27 -23.06
N GLY D 141 -9.30 7.71 -22.12
CA GLY D 141 -7.89 7.38 -22.32
C GLY D 141 -7.69 6.31 -23.38
N GLU D 142 -7.75 5.04 -22.94
CA GLU D 142 -7.92 3.90 -23.84
C GLU D 142 -9.41 3.52 -23.81
N ASP D 143 -9.87 3.11 -22.62
CA ASP D 143 -11.28 3.06 -22.24
C ASP D 143 -11.39 3.18 -20.72
N GLY D 144 -10.24 3.38 -20.06
CA GLY D 144 -10.17 3.71 -18.64
C GLY D 144 -10.83 5.06 -18.40
N ALA D 145 -12.10 5.03 -17.97
CA ALA D 145 -12.87 6.19 -17.57
C ALA D 145 -12.35 6.74 -16.25
N SER D 146 -11.73 5.86 -15.42
CA SER D 146 -11.14 6.18 -14.14
C SER D 146 -9.96 7.14 -14.29
N HIS D 147 -9.18 6.93 -15.38
CA HIS D 147 -7.99 7.70 -15.72
CA HIS D 147 -8.00 7.68 -15.75
C HIS D 147 -8.37 9.10 -16.20
N GLN D 148 -9.67 9.41 -16.19
CA GLN D 148 -10.15 10.73 -16.51
CA GLN D 148 -10.12 10.75 -16.52
C GLN D 148 -10.21 11.66 -15.29
N ALA D 149 -10.60 11.12 -14.12
CA ALA D 149 -10.75 11.94 -12.93
C ALA D 149 -11.73 13.10 -13.12
N ILE D 150 -12.96 12.76 -13.47
CA ILE D 150 -13.99 13.74 -13.76
C ILE D 150 -14.59 14.28 -12.46
N GLU D 151 -14.23 13.68 -11.31
CA GLU D 151 -14.71 14.12 -9.99
C GLU D 151 -13.55 14.62 -9.10
N ASP D 152 -12.43 15.02 -9.68
CA ASP D 152 -11.29 15.54 -8.92
C ASP D 152 -11.69 16.70 -8.00
N LEU D 153 -12.44 17.69 -8.54
CA LEU D 153 -12.80 18.86 -7.75
C LEU D 153 -13.67 18.44 -6.59
N ALA D 154 -14.59 17.49 -6.85
CA ALA D 154 -15.51 17.07 -5.82
C ALA D 154 -14.74 16.41 -4.69
N LEU D 155 -13.74 15.57 -5.03
CA LEU D 155 -12.99 14.87 -3.99
C LEU D 155 -12.19 15.88 -3.17
N MET D 156 -11.57 16.86 -3.84
CA MET D 156 -10.82 17.88 -3.08
C MET D 156 -11.72 18.77 -2.24
N ARG D 157 -12.90 19.12 -2.76
CA ARG D 157 -13.82 20.06 -2.11
CA ARG D 157 -13.81 20.06 -2.11
C ARG D 157 -14.26 19.51 -0.76
N VAL D 158 -14.46 18.18 -0.66
CA VAL D 158 -15.03 17.63 0.57
C VAL D 158 -13.96 17.42 1.64
N LEU D 159 -12.69 17.61 1.31
CA LEU D 159 -11.66 17.43 2.33
C LEU D 159 -11.57 18.67 3.20
N PRO D 160 -11.38 18.54 4.53
CA PRO D 160 -11.17 19.73 5.36
C PRO D 160 -9.87 20.46 4.99
N ASN D 161 -9.94 21.79 5.08
CA ASN D 161 -8.86 22.74 4.92
C ASN D 161 -8.46 22.97 3.47
N MET D 162 -8.74 22.04 2.57
CA MET D 162 -8.31 22.16 1.19
C MET D 162 -9.05 23.32 0.52
N GLN D 163 -8.34 24.22 -0.14
CA GLN D 163 -8.91 25.25 -1.00
C GLN D 163 -8.76 24.81 -2.46
N VAL D 164 -9.73 25.16 -3.29
CA VAL D 164 -9.78 24.58 -4.63
C VAL D 164 -9.97 25.72 -5.63
N PHE D 165 -8.98 25.92 -6.51
CA PHE D 165 -9.01 27.04 -7.43
C PHE D 165 -8.87 26.51 -8.86
N VAL D 166 -9.70 27.03 -9.76
CA VAL D 166 -9.71 26.57 -11.13
C VAL D 166 -9.57 27.77 -12.06
N PRO D 167 -8.36 28.10 -12.53
CA PRO D 167 -8.19 29.28 -13.37
C PRO D 167 -8.87 29.13 -14.74
N ALA D 168 -9.43 30.23 -15.23
CA ALA D 168 -10.09 30.23 -16.53
C ALA D 168 -9.09 30.36 -17.69
N ASP D 169 -7.98 31.10 -17.49
CA ASP D 169 -7.05 31.42 -18.57
C ASP D 169 -5.67 31.70 -17.99
N ALA D 170 -4.73 32.11 -18.87
CA ALA D 170 -3.34 32.37 -18.50
C ALA D 170 -3.24 33.44 -17.40
N ALA D 171 -3.90 34.58 -17.59
CA ALA D 171 -3.78 35.68 -16.64
C ALA D 171 -4.29 35.27 -15.25
N GLN D 172 -5.44 34.58 -15.21
CA GLN D 172 -5.97 34.15 -13.92
C GLN D 172 -5.07 33.07 -13.29
N THR D 173 -4.43 32.23 -14.12
CA THR D 173 -3.53 31.22 -13.59
C THR D 173 -2.41 31.89 -12.80
N ARG D 174 -1.79 32.89 -13.44
CA ARG D 174 -0.68 33.59 -12.83
C ARG D 174 -1.12 34.18 -11.49
N ALA D 175 -2.29 34.86 -11.48
CA ALA D 175 -2.81 35.46 -10.27
C ALA D 175 -3.07 34.40 -9.18
N ILE D 176 -3.64 33.25 -9.56
CA ILE D 176 -3.94 32.20 -8.60
C ILE D 176 -2.65 31.62 -8.02
N VAL D 177 -1.65 31.41 -8.89
CA VAL D 177 -0.43 30.77 -8.44
C VAL D 177 0.30 31.68 -7.43
N LYS D 178 0.36 32.97 -7.74
CA LYS D 178 1.01 33.94 -6.86
C LYS D 178 0.25 34.03 -5.53
N LYS D 179 -1.09 34.04 -5.56
CA LYS D 179 -1.83 34.12 -4.31
C LYS D 179 -1.66 32.82 -3.51
N ALA D 180 -1.65 31.67 -4.20
CA ALA D 180 -1.56 30.38 -3.51
C ALA D 180 -0.26 30.32 -2.70
N ALA D 181 0.80 30.93 -3.25
CA ALA D 181 2.09 30.99 -2.58
C ALA D 181 2.04 31.81 -1.28
N GLU D 182 1.14 32.78 -1.19
CA GLU D 182 1.08 33.65 -0.02
C GLU D 182 0.15 33.09 1.04
N ILE D 183 -0.90 32.38 0.66
CA ILE D 183 -1.84 31.92 1.66
CA ILE D 183 -1.91 31.77 1.51
C ILE D 183 -1.25 30.71 2.38
N GLU D 184 -1.76 30.50 3.60
CA GLU D 184 -1.32 29.39 4.44
C GLU D 184 -2.26 28.22 4.27
N GLY D 185 -1.75 27.04 3.98
CA GLY D 185 -2.64 25.89 3.96
C GLY D 185 -2.69 25.19 2.60
N PRO D 186 -3.33 24.02 2.55
CA PRO D 186 -3.35 23.21 1.33
C PRO D 186 -4.21 23.82 0.23
N VAL D 187 -3.69 23.78 -0.99
CA VAL D 187 -4.37 24.37 -2.13
C VAL D 187 -4.32 23.36 -3.28
N TYR D 188 -5.44 23.22 -3.98
CA TYR D 188 -5.47 22.42 -5.19
C TYR D 188 -5.78 23.35 -6.35
N ILE D 189 -4.88 23.38 -7.35
CA ILE D 189 -5.07 24.24 -8.50
C ILE D 189 -5.24 23.32 -9.70
N ARG D 190 -6.35 23.45 -10.40
CA ARG D 190 -6.58 22.57 -11.52
C ARG D 190 -6.13 23.28 -12.81
N LEU D 191 -5.23 22.61 -13.56
CA LEU D 191 -4.66 23.16 -14.78
C LEU D 191 -5.10 22.32 -15.98
N GLY D 192 -4.91 22.87 -17.19
CA GLY D 192 -5.26 22.22 -18.44
C GLY D 192 -4.08 22.28 -19.42
N ARG D 193 -4.08 21.34 -20.39
CA ARG D 193 -2.97 21.20 -21.34
C ARG D 193 -3.22 21.99 -22.63
N SER D 194 -4.48 22.30 -22.96
CA SER D 194 -4.77 22.93 -24.23
CA SER D 194 -4.79 22.92 -24.23
C SER D 194 -4.97 24.43 -24.07
N GLY D 195 -4.63 25.19 -25.14
CA GLY D 195 -4.81 26.63 -25.22
C GLY D 195 -6.27 26.99 -24.97
N VAL D 196 -6.52 28.10 -24.24
CA VAL D 196 -7.89 28.46 -23.88
C VAL D 196 -8.01 29.96 -24.10
N PRO D 197 -9.22 30.47 -24.46
CA PRO D 197 -9.36 31.88 -24.79
C PRO D 197 -8.99 32.80 -23.61
N GLU D 198 -8.50 33.98 -23.92
CA GLU D 198 -8.22 35.03 -22.95
C GLU D 198 -9.56 35.56 -22.41
N VAL D 199 -9.67 35.70 -21.08
CA VAL D 199 -10.90 36.17 -20.45
C VAL D 199 -10.56 37.37 -19.57
N PHE D 200 -9.41 37.33 -18.88
CA PHE D 200 -9.03 38.36 -17.94
C PHE D 200 -7.85 39.16 -18.47
N SER D 201 -7.70 40.41 -18.00
CA SER D 201 -6.55 41.23 -18.34
CA SER D 201 -6.54 41.20 -18.37
C SER D 201 -5.34 40.78 -17.52
N PRO D 202 -4.10 41.03 -17.99
CA PRO D 202 -2.90 40.59 -17.26
C PRO D 202 -2.76 41.06 -15.82
N ASP D 203 -3.44 42.13 -15.42
CA ASP D 203 -3.18 42.62 -14.07
C ASP D 203 -4.26 42.19 -13.07
N ILE D 204 -5.08 41.19 -13.40
CA ILE D 204 -6.11 40.69 -12.50
C ILE D 204 -5.50 40.27 -11.15
N ARG D 205 -6.24 40.51 -10.07
CA ARG D 205 -5.87 40.04 -8.74
C ARG D 205 -6.83 38.93 -8.36
N PHE D 206 -6.35 37.89 -7.71
CA PHE D 206 -7.21 36.80 -7.30
C PHE D 206 -7.30 36.85 -5.79
N GLU D 207 -8.51 36.67 -5.27
CA GLU D 207 -8.63 36.48 -3.85
C GLU D 207 -9.51 35.25 -3.57
N PRO D 208 -9.09 34.27 -2.73
CA PRO D 208 -9.95 33.13 -2.38
C PRO D 208 -11.27 33.68 -1.84
N GLY D 209 -12.39 33.09 -2.24
CA GLY D 209 -13.66 33.54 -1.68
C GLY D 209 -14.30 34.65 -2.50
N ARG D 210 -13.62 35.11 -3.57
CA ARG D 210 -14.13 36.23 -4.35
C ARG D 210 -14.22 35.80 -5.82
N GLY D 211 -15.39 35.97 -6.43
CA GLY D 211 -15.56 35.70 -7.85
C GLY D 211 -15.64 37.03 -8.60
N THR D 212 -15.96 37.01 -9.91
CA THR D 212 -15.93 38.22 -10.73
C THR D 212 -17.15 38.25 -11.67
N VAL D 213 -17.88 39.37 -11.68
CA VAL D 213 -18.93 39.62 -12.66
C VAL D 213 -18.25 40.03 -13.96
N LEU D 214 -18.42 39.22 -15.00
CA LEU D 214 -17.80 39.47 -16.29
C LEU D 214 -18.79 40.16 -17.21
N LYS D 215 -20.09 39.98 -16.96
CA LYS D 215 -21.13 40.57 -17.78
C LYS D 215 -22.35 40.77 -16.89
N GLU D 216 -23.12 41.85 -17.10
CA GLU D 216 -24.33 42.11 -16.32
CA GLU D 216 -24.32 42.16 -16.33
C GLU D 216 -25.55 41.68 -17.12
N GLY D 217 -26.62 41.28 -16.40
CA GLY D 217 -27.88 40.89 -17.04
C GLY D 217 -28.91 40.61 -15.95
N LYS D 218 -30.20 40.86 -16.21
CA LYS D 218 -31.17 40.78 -15.14
C LYS D 218 -31.99 39.49 -15.16
N ASP D 219 -31.92 38.66 -16.21
CA ASP D 219 -32.86 37.53 -16.30
C ASP D 219 -32.34 36.24 -15.65
N VAL D 220 -31.04 35.99 -15.70
CA VAL D 220 -30.45 34.78 -15.19
C VAL D 220 -28.98 35.06 -14.89
N THR D 221 -28.37 34.26 -14.01
CA THR D 221 -26.93 34.32 -13.81
C THR D 221 -26.31 33.00 -14.24
N ILE D 222 -25.25 33.07 -15.04
CA ILE D 222 -24.45 31.91 -15.36
C ILE D 222 -23.18 31.98 -14.52
N VAL D 223 -22.97 30.96 -13.68
CA VAL D 223 -21.74 30.83 -12.91
C VAL D 223 -20.87 29.76 -13.56
N ALA D 224 -19.62 30.09 -13.85
CA ALA D 224 -18.78 29.10 -14.52
C ALA D 224 -17.36 29.14 -13.94
N LEU D 225 -16.60 28.07 -14.21
CA LEU D 225 -15.17 28.14 -13.95
C LEU D 225 -14.41 27.34 -14.99
N GLY D 226 -13.07 27.53 -15.01
CA GLY D 226 -12.22 26.81 -15.94
C GLY D 226 -12.58 27.16 -17.36
N ILE D 227 -12.57 26.14 -18.26
CA ILE D 227 -12.82 26.36 -19.67
CA ILE D 227 -12.83 26.28 -19.67
C ILE D 227 -14.24 26.83 -19.89
N MET D 228 -15.14 26.62 -18.90
CA MET D 228 -16.52 26.96 -19.14
C MET D 228 -16.79 28.47 -19.06
N THR D 229 -15.84 29.23 -18.51
CA THR D 229 -16.08 30.67 -18.34
C THR D 229 -16.24 31.35 -19.70
N ALA D 230 -15.28 31.13 -20.61
CA ALA D 230 -15.38 31.67 -21.96
C ALA D 230 -16.64 31.17 -22.66
N LYS D 231 -17.05 29.92 -22.42
CA LYS D 231 -18.24 29.42 -23.08
C LYS D 231 -19.50 30.05 -22.51
N ALA D 232 -19.47 30.39 -21.22
CA ALA D 232 -20.60 31.09 -20.62
C ALA D 232 -20.75 32.47 -21.26
N LEU D 233 -19.62 33.13 -21.57
CA LEU D 233 -19.68 34.44 -22.24
C LEU D 233 -20.28 34.27 -23.64
N GLU D 234 -19.87 33.21 -24.36
CA GLU D 234 -20.43 32.89 -25.67
C GLU D 234 -21.93 32.66 -25.53
N ALA D 235 -22.33 31.88 -24.52
CA ALA D 235 -23.73 31.57 -24.33
C ALA D 235 -24.53 32.85 -24.07
N ALA D 236 -23.95 33.79 -23.31
CA ALA D 236 -24.65 35.01 -22.95
C ALA D 236 -24.95 35.84 -24.21
N LYS D 237 -24.01 35.85 -25.16
CA LYS D 237 -24.18 36.48 -26.46
C LYS D 237 -25.32 35.81 -27.23
N MET D 238 -25.32 34.48 -27.32
CA MET D 238 -26.42 33.75 -27.96
C MET D 238 -27.74 34.07 -27.29
N LEU D 239 -27.74 34.24 -25.95
CA LEU D 239 -28.99 34.45 -25.24
C LEU D 239 -29.53 35.85 -25.51
N GLU D 240 -28.62 36.80 -25.74
CA GLU D 240 -28.99 38.19 -25.95
CA GLU D 240 -28.94 38.20 -25.99
C GLU D 240 -29.79 38.30 -27.25
N ALA D 241 -29.32 37.58 -28.29
CA ALA D 241 -29.97 37.43 -29.58
C ALA D 241 -31.38 36.85 -29.45
N GLU D 242 -31.76 36.23 -28.32
CA GLU D 242 -33.11 35.76 -28.14
C GLU D 242 -33.83 36.55 -27.06
N GLY D 243 -33.31 37.73 -26.70
CA GLY D 243 -33.97 38.58 -25.73
C GLY D 243 -33.80 38.14 -24.27
N ILE D 244 -32.74 37.38 -23.94
CA ILE D 244 -32.51 37.01 -22.55
C ILE D 244 -31.18 37.63 -22.10
N ALA D 245 -31.21 38.45 -21.06
CA ALA D 245 -30.00 39.13 -20.57
C ALA D 245 -29.41 38.33 -19.39
N ALA D 246 -28.22 37.77 -19.62
CA ALA D 246 -27.60 36.91 -18.62
C ALA D 246 -26.45 37.64 -17.92
N ARG D 247 -26.43 37.61 -16.58
CA ARG D 247 -25.22 37.97 -15.85
C ARG D 247 -24.26 36.77 -15.96
N VAL D 248 -22.98 37.02 -16.17
CA VAL D 248 -21.98 35.95 -16.17
C VAL D 248 -20.97 36.17 -15.05
N VAL D 249 -20.80 35.17 -14.21
CA VAL D 249 -19.86 35.21 -13.10
C VAL D 249 -18.78 34.14 -13.26
N ASP D 250 -17.52 34.52 -13.13
CA ASP D 250 -16.43 33.55 -13.05
C ASP D 250 -16.21 33.21 -11.57
N MET D 251 -16.13 31.91 -11.27
CA MET D 251 -15.95 31.47 -9.91
C MET D 251 -14.75 30.52 -9.84
N ALA D 252 -13.56 30.99 -10.25
CA ALA D 252 -12.32 30.22 -10.13
C ALA D 252 -12.13 29.73 -8.69
N SER D 253 -12.59 30.54 -7.73
CA SER D 253 -12.51 30.18 -6.33
C SER D 253 -13.68 29.27 -6.00
N LEU D 254 -13.50 27.97 -6.22
CA LEU D 254 -14.58 27.02 -5.97
C LEU D 254 -14.72 26.82 -4.47
N LYS D 255 -13.58 26.76 -3.77
CA LYS D 255 -13.61 26.59 -2.33
C LYS D 255 -12.48 27.39 -1.69
N PRO D 256 -12.73 28.42 -0.82
CA PRO D 256 -14.09 28.82 -0.42
C PRO D 256 -14.79 29.58 -1.56
N ILE D 257 -16.08 29.40 -1.68
CA ILE D 257 -16.84 30.02 -2.75
C ILE D 257 -17.25 31.45 -2.35
N ASP D 258 -17.53 32.32 -3.32
CA ASP D 258 -18.04 33.67 -3.05
C ASP D 258 -19.54 33.66 -2.74
N ARG D 259 -19.89 33.38 -1.47
CA ARG D 259 -21.29 33.27 -1.04
CA ARG D 259 -21.28 33.27 -1.03
C ARG D 259 -22.05 34.58 -1.33
N GLU D 260 -21.44 35.73 -1.04
CA GLU D 260 -22.10 37.03 -1.15
CA GLU D 260 -22.21 36.96 -1.14
C GLU D 260 -22.46 37.29 -2.61
N LEU D 261 -21.51 37.02 -3.50
CA LEU D 261 -21.78 37.31 -4.90
C LEU D 261 -22.88 36.39 -5.45
N LEU D 262 -22.93 35.14 -4.96
CA LEU D 262 -23.98 34.21 -5.39
C LEU D 262 -25.33 34.73 -4.91
N VAL D 263 -25.39 35.15 -3.64
CA VAL D 263 -26.65 35.62 -3.07
C VAL D 263 -27.10 36.91 -3.79
N GLU D 264 -26.16 37.82 -4.05
CA GLU D 264 -26.51 39.02 -4.76
C GLU D 264 -27.05 38.70 -6.16
N SER D 265 -26.34 37.80 -6.88
CA SER D 265 -26.80 37.37 -8.19
C SER D 265 -28.20 36.76 -8.12
N ALA D 266 -28.48 35.96 -7.08
CA ALA D 266 -29.77 35.31 -6.93
C ALA D 266 -30.86 36.36 -6.72
N ARG D 267 -30.62 37.35 -5.85
CA ARG D 267 -31.61 38.38 -5.55
CA ARG D 267 -31.61 38.37 -5.55
C ARG D 267 -31.85 39.23 -6.78
N LEU D 268 -30.84 39.45 -7.62
CA LEU D 268 -31.01 40.31 -8.79
CA LEU D 268 -30.96 40.30 -8.81
C LEU D 268 -31.64 39.56 -9.95
N THR D 269 -31.34 38.26 -10.13
CA THR D 269 -31.73 37.61 -11.39
C THR D 269 -32.74 36.49 -11.16
N GLY D 270 -32.75 35.87 -9.97
CA GLY D 270 -33.80 34.90 -9.66
C GLY D 270 -33.59 33.49 -10.25
N ALA D 271 -32.47 33.23 -10.95
CA ALA D 271 -32.20 31.90 -11.48
C ALA D 271 -30.72 31.80 -11.82
N VAL D 272 -30.13 30.62 -11.59
CA VAL D 272 -28.72 30.40 -11.86
C VAL D 272 -28.52 29.15 -12.73
N VAL D 273 -27.55 29.23 -13.62
CA VAL D 273 -27.03 28.04 -14.29
C VAL D 273 -25.57 27.95 -13.92
N THR D 274 -25.11 26.76 -13.53
CA THR D 274 -23.68 26.57 -13.29
C THR D 274 -23.09 25.76 -14.43
N ALA D 275 -21.81 26.01 -14.76
CA ALA D 275 -21.20 25.28 -15.85
C ALA D 275 -19.76 24.97 -15.46
N GLU D 276 -19.41 23.69 -15.51
CA GLU D 276 -18.09 23.21 -15.15
C GLU D 276 -17.75 21.98 -16.00
N GLU D 277 -16.48 21.83 -16.36
CA GLU D 277 -16.04 20.62 -17.02
C GLU D 277 -15.65 19.59 -15.96
N HIS D 278 -16.66 19.04 -15.33
CA HIS D 278 -16.49 18.26 -14.13
C HIS D 278 -17.84 17.59 -13.91
N SER D 279 -17.85 16.51 -13.15
CA SER D 279 -19.08 15.84 -12.74
C SER D 279 -20.08 16.84 -12.19
N VAL D 280 -21.39 16.65 -12.51
CA VAL D 280 -22.44 17.50 -11.97
C VAL D 280 -22.62 17.26 -10.47
N ILE D 281 -22.08 16.17 -9.94
CA ILE D 281 -22.22 15.92 -8.51
C ILE D 281 -20.94 16.37 -7.81
N GLY D 282 -21.08 17.24 -6.81
CA GLY D 282 -19.99 17.55 -5.90
C GLY D 282 -19.07 18.68 -6.36
N GLY D 283 -19.34 19.31 -7.51
CA GLY D 283 -18.48 20.41 -7.96
C GLY D 283 -19.15 21.77 -7.78
N LEU D 284 -19.08 22.61 -8.81
CA LEU D 284 -19.58 23.98 -8.76
C LEU D 284 -21.09 23.99 -8.56
N GLY D 285 -21.81 23.18 -9.34
CA GLY D 285 -23.25 23.12 -9.21
C GLY D 285 -23.70 22.81 -7.78
N SER D 286 -23.04 21.83 -7.17
CA SER D 286 -23.38 21.43 -5.81
C SER D 286 -23.03 22.53 -4.81
N ALA D 287 -21.84 23.15 -4.98
CA ALA D 287 -21.45 24.24 -4.10
C ALA D 287 -22.45 25.39 -4.16
N VAL D 288 -22.91 25.76 -5.37
CA VAL D 288 -23.84 26.87 -5.54
C VAL D 288 -25.20 26.53 -4.94
N ALA D 289 -25.69 25.31 -5.20
CA ALA D 289 -26.97 24.88 -4.68
C ALA D 289 -26.92 24.86 -3.15
N GLU D 290 -25.82 24.35 -2.58
CA GLU D 290 -25.67 24.32 -1.13
C GLU D 290 -25.82 25.75 -0.55
N VAL D 291 -25.18 26.74 -1.20
CA VAL D 291 -25.21 28.10 -0.69
C VAL D 291 -26.60 28.70 -0.83
N LEU D 292 -27.13 28.69 -2.06
CA LEU D 292 -28.40 29.36 -2.30
C LEU D 292 -29.58 28.74 -1.54
N SER D 293 -29.57 27.41 -1.33
CA SER D 293 -30.66 26.75 -0.64
CA SER D 293 -30.63 26.72 -0.62
C SER D 293 -30.73 27.20 0.83
N GLU D 294 -29.61 27.65 1.40
CA GLU D 294 -29.61 28.05 2.80
C GLU D 294 -29.67 29.58 2.93
N GLU D 295 -29.61 30.32 1.82
CA GLU D 295 -29.54 31.77 1.93
C GLU D 295 -30.65 32.45 1.14
N TYR D 296 -30.88 32.03 -0.11
CA TYR D 296 -31.87 32.66 -0.97
C TYR D 296 -32.27 31.68 -2.08
N PRO D 297 -33.16 30.70 -1.78
CA PRO D 297 -33.41 29.59 -2.70
C PRO D 297 -33.95 30.07 -4.04
N ILE D 298 -33.30 29.64 -5.13
CA ILE D 298 -33.75 29.90 -6.49
C ILE D 298 -33.35 28.70 -7.34
N PRO D 299 -33.81 28.60 -8.61
CA PRO D 299 -33.38 27.52 -9.49
C PRO D 299 -31.87 27.55 -9.66
N VAL D 300 -31.25 26.37 -9.55
CA VAL D 300 -29.85 26.20 -9.94
C VAL D 300 -29.82 24.99 -10.87
N VAL D 301 -29.63 25.26 -12.17
CA VAL D 301 -29.55 24.20 -13.16
C VAL D 301 -28.09 23.97 -13.52
N LYS D 302 -27.66 22.70 -13.46
CA LYS D 302 -26.24 22.38 -13.47
CA LYS D 302 -26.24 22.37 -13.46
C LYS D 302 -25.85 21.84 -14.83
N VAL D 303 -24.83 22.46 -15.47
CA VAL D 303 -24.23 21.93 -16.67
C VAL D 303 -22.89 21.35 -16.25
N GLY D 304 -22.69 20.08 -16.59
CA GLY D 304 -21.46 19.38 -16.28
C GLY D 304 -21.50 17.97 -16.86
N VAL D 305 -20.61 17.10 -16.39
CA VAL D 305 -20.57 15.73 -16.89
C VAL D 305 -21.61 14.92 -16.11
N ASN D 306 -22.62 14.37 -16.81
CA ASN D 306 -23.68 13.65 -16.14
C ASN D 306 -23.33 12.16 -16.02
N ASP D 307 -22.86 11.59 -17.12
CA ASP D 307 -22.47 10.18 -17.19
C ASP D 307 -20.97 10.10 -17.46
N VAL D 308 -20.25 9.51 -16.49
CA VAL D 308 -18.81 9.60 -16.40
C VAL D 308 -18.20 8.64 -17.42
N PHE D 309 -19.03 7.73 -17.95
CA PHE D 309 -18.65 6.77 -18.98
C PHE D 309 -19.00 7.30 -20.36
N GLY D 310 -19.78 8.40 -20.44
CA GLY D 310 -20.35 8.90 -21.68
C GLY D 310 -21.77 8.38 -21.88
N GLU D 311 -22.73 9.30 -21.99
CA GLU D 311 -24.12 8.95 -22.32
C GLU D 311 -24.08 7.92 -23.45
N SER D 312 -24.50 6.67 -23.15
CA SER D 312 -24.40 5.57 -24.11
C SER D 312 -25.38 5.75 -25.27
N GLY D 313 -25.54 7.01 -25.69
CA GLY D 313 -26.33 7.41 -26.85
C GLY D 313 -25.46 8.07 -27.92
N THR D 314 -24.76 9.17 -27.57
CA THR D 314 -23.99 9.97 -28.52
C THR D 314 -22.55 9.44 -28.60
N PRO D 315 -21.97 9.31 -29.82
CA PRO D 315 -20.57 8.89 -29.97
C PRO D 315 -19.52 9.74 -29.25
N GLN D 316 -18.36 9.11 -29.08
CA GLN D 316 -17.20 9.65 -28.38
C GLN D 316 -16.63 10.88 -29.10
N ALA D 317 -16.53 10.80 -30.45
CA ALA D 317 -16.09 11.87 -31.33
C ALA D 317 -16.87 13.16 -31.06
N LEU D 318 -18.17 13.09 -30.70
CA LEU D 318 -18.99 14.27 -30.46
C LEU D 318 -18.61 15.03 -29.18
N LEU D 319 -18.55 14.30 -28.07
CA LEU D 319 -18.11 14.83 -26.79
C LEU D 319 -16.65 15.30 -26.87
N GLU D 320 -15.83 14.65 -27.70
CA GLU D 320 -14.42 14.97 -27.86
C GLU D 320 -14.25 16.27 -28.66
N LYS D 321 -15.05 16.47 -29.72
CA LYS D 321 -14.95 17.69 -30.49
C LYS D 321 -15.54 18.86 -29.70
N TYR D 322 -16.69 18.65 -29.06
CA TYR D 322 -17.49 19.76 -28.56
C TYR D 322 -17.16 20.08 -27.09
N GLY D 323 -17.00 19.05 -26.25
CA GLY D 323 -17.07 19.19 -24.80
C GLY D 323 -18.51 19.45 -24.35
N LEU D 324 -18.65 20.20 -23.26
CA LEU D 324 -19.89 20.87 -22.89
C LEU D 324 -19.83 22.22 -23.58
N THR D 325 -20.95 22.65 -24.19
CA THR D 325 -20.88 23.71 -25.18
C THR D 325 -21.68 24.92 -24.67
N ALA D 326 -21.44 26.04 -25.33
CA ALA D 326 -22.22 27.25 -25.08
C ALA D 326 -23.69 26.96 -25.28
N ARG D 327 -24.03 26.15 -26.30
CA ARG D 327 -25.42 25.78 -26.57
C ARG D 327 -26.01 24.96 -25.42
N ASP D 328 -25.20 24.10 -24.77
CA ASP D 328 -25.69 23.39 -23.59
C ASP D 328 -26.03 24.38 -22.47
N VAL D 329 -25.22 25.44 -22.34
CA VAL D 329 -25.49 26.44 -21.32
C VAL D 329 -26.79 27.17 -21.64
N VAL D 330 -26.99 27.47 -22.94
CA VAL D 330 -28.23 28.09 -23.41
C VAL D 330 -29.44 27.25 -23.02
N ALA D 331 -29.36 25.93 -23.32
CA ALA D 331 -30.46 25.03 -22.99
C ALA D 331 -30.73 25.04 -21.49
N ALA D 332 -29.63 25.03 -20.68
CA ALA D 332 -29.80 25.05 -19.23
C ALA D 332 -30.48 26.34 -18.75
N VAL D 333 -30.14 27.47 -19.37
CA VAL D 333 -30.77 28.73 -19.01
C VAL D 333 -32.26 28.68 -19.28
N GLN D 334 -32.63 28.16 -20.48
CA GLN D 334 -34.06 28.06 -20.81
C GLN D 334 -34.80 27.20 -19.78
N LYS D 335 -34.18 26.11 -19.33
CA LYS D 335 -34.81 25.29 -18.29
C LYS D 335 -34.89 26.06 -16.96
N ALA D 336 -33.80 26.78 -16.59
CA ALA D 336 -33.82 27.57 -15.36
C ALA D 336 -34.94 28.62 -15.36
N LEU D 337 -35.17 29.30 -16.49
CA LEU D 337 -36.25 30.29 -16.56
C LEU D 337 -37.61 29.69 -16.26
N THR D 338 -37.89 28.44 -16.71
CA THR D 338 -39.20 27.83 -16.45
C THR D 338 -39.38 27.50 -14.97
N LEU D 339 -38.29 27.41 -14.19
CA LEU D 339 -38.41 27.00 -12.80
C LEU D 339 -38.66 28.17 -11.85
N LYS D 340 -38.53 29.41 -12.37
CA LYS D 340 -38.80 30.56 -11.52
C LYS D 340 -40.25 30.53 -11.03
N ARG D 341 -40.47 30.89 -9.77
CA ARG D 341 -41.80 30.83 -9.16
C ARG D 341 -42.14 32.16 -8.52
#